data_1SYO
#
_entry.id   1SYO
#
_cell.length_a   61.400
_cell.length_b   86.400
_cell.length_c   86.900
_cell.angle_alpha   90.00
_cell.angle_beta   108.80
_cell.angle_gamma   90.00
#
_symmetry.space_group_name_H-M   'P 1 21 1'
#
loop_
_entity.id
_entity.type
_entity.pdbx_description
1 polymer 'cation-independent mannose 6-phosphate receptor'
2 branched beta-D-mannopyranose-(1-4)-2-acetamido-2-deoxy-beta-D-glucopyranose-(1-4)-2-acetamido-2-deoxy-alpha-D-glucopyranose
3 non-polymer 2-acetamido-2-deoxy-beta-D-glucopyranose
4 non-polymer 6-O-phosphono-alpha-D-mannopyranose
5 non-polymer GLYCEROL
6 water water
#
_entity_poly.entity_id   1
_entity_poly.type   'polypeptide(L)'
_entity_poly.pdbx_seq_one_letter_code
;AAGTQGAEFPELCSYTWEAVDTKNNMLYKINICGNMGVAQCGPSSAVCMHDLKTDSFHSVGDSLLKTASRSLLEFNTTVN
CKQQNHKIQSSITFLCGKTLGTPEFVTATDCVHYFEWRTTAACKKNIFKANKEVPCYAFDRELKKHDLNPLIKTSGAYLV
DDSDPDTSLFINVCRDIEVLRASSPQVRVCPTGAAACLVRGDRAFDVGRPQEGLKLVSNDRLVLSYVKEGAGQPDFCDGH
SPAVTITFVCPSERREGTIPKLTAKSNCRFEIEWVTEYACHRDYLESRSCSLSSAQHDVAVDLQPLSRVEASDSLFYTSE
ADEYTYYLSICGGSQAPICNKKDAAVCQVKKADSTQVKVAGRPQNLTLRYSDGDLTLIYFGGEECSSGFQRMSVINFECN
QTAGNNGRGAPVFTGEVDCTYFFTWDTKYACV
;
_entity_poly.pdbx_strand_id   A,B
#
# COMPACT_ATOMS: atom_id res chain seq x y z
N ALA A 7 -13.68 26.43 -6.47
CA ALA A 7 -14.77 25.86 -7.31
C ALA A 7 -14.91 24.35 -7.13
N GLU A 8 -16.09 23.83 -7.39
CA GLU A 8 -16.35 22.38 -7.28
C GLU A 8 -15.83 21.77 -8.57
N PHE A 9 -14.77 20.97 -8.49
CA PHE A 9 -14.20 20.37 -9.69
C PHE A 9 -13.96 21.54 -10.66
N PRO A 10 -13.12 22.50 -10.24
CA PRO A 10 -12.75 23.72 -10.98
C PRO A 10 -12.40 23.52 -12.45
N GLU A 11 -11.50 22.58 -12.72
CA GLU A 11 -11.07 22.30 -14.08
C GLU A 11 -12.22 21.93 -15.02
N LEU A 12 -13.38 21.61 -14.47
CA LEU A 12 -14.53 21.27 -15.31
C LEU A 12 -15.36 22.50 -15.64
N CYS A 13 -15.25 23.52 -14.80
CA CYS A 13 -16.01 24.74 -14.98
C CYS A 13 -15.59 25.66 -16.10
N SER A 14 -14.45 25.39 -16.71
CA SER A 14 -13.97 26.24 -17.79
C SER A 14 -14.73 26.02 -19.09
N TYR A 15 -15.48 24.91 -19.17
CA TYR A 15 -16.17 24.56 -20.39
C TYR A 15 -17.66 24.16 -20.26
N THR A 16 -18.35 24.19 -21.40
CA THR A 16 -19.75 23.79 -21.44
C THR A 16 -19.74 22.41 -22.09
N TRP A 17 -20.01 21.39 -21.29
CA TRP A 17 -20.00 20.01 -21.72
C TRP A 17 -21.33 19.52 -22.28
N GLU A 18 -21.25 18.73 -23.35
CA GLU A 18 -22.43 18.20 -24.00
C GLU A 18 -22.67 16.72 -23.67
N ALA A 19 -23.93 16.36 -23.50
CA ALA A 19 -24.34 15.00 -23.21
C ALA A 19 -25.59 14.77 -24.07
N VAL A 20 -26.02 13.52 -24.22
CA VAL A 20 -27.19 13.26 -25.05
C VAL A 20 -28.00 12.03 -24.70
N ASP A 21 -29.28 12.07 -25.07
CA ASP A 21 -30.20 10.97 -24.88
C ASP A 21 -30.72 10.66 -26.30
N THR A 22 -30.21 9.58 -26.88
CA THR A 22 -30.62 9.21 -28.25
C THR A 22 -31.99 8.55 -28.34
N LYS A 23 -32.37 7.77 -27.32
CA LYS A 23 -33.68 7.10 -27.33
C LYS A 23 -34.78 8.15 -27.34
N ASN A 24 -34.43 9.40 -27.02
CA ASN A 24 -35.41 10.47 -26.99
C ASN A 24 -35.00 11.69 -27.79
N ASN A 25 -33.88 11.59 -28.48
CA ASN A 25 -33.39 12.69 -29.31
C ASN A 25 -33.21 14.01 -28.56
N MET A 26 -32.56 13.94 -27.40
CA MET A 26 -32.31 15.12 -26.57
C MET A 26 -30.80 15.35 -26.45
N LEU A 27 -30.38 16.61 -26.48
CA LEU A 27 -28.97 16.93 -26.34
C LEU A 27 -28.81 17.88 -25.17
N TYR A 28 -28.10 17.44 -24.13
CA TYR A 28 -27.90 18.28 -22.95
C TYR A 28 -26.64 19.15 -22.95
N LYS A 29 -26.79 20.35 -22.40
CA LYS A 29 -25.71 21.30 -22.25
C LYS A 29 -25.42 21.33 -20.74
N ILE A 30 -24.22 20.92 -20.36
CA ILE A 30 -23.85 20.88 -18.96
C ILE A 30 -22.71 21.81 -18.60
N ASN A 31 -22.91 22.58 -17.53
CA ASN A 31 -21.90 23.50 -17.04
C ASN A 31 -22.02 23.54 -15.52
N ILE A 32 -21.17 22.79 -14.84
CA ILE A 32 -21.17 22.69 -13.39
C ILE A 32 -21.24 24.04 -12.68
N CYS A 33 -20.72 25.07 -13.33
CA CYS A 33 -20.72 26.42 -12.75
C CYS A 33 -21.83 27.33 -13.26
N GLY A 34 -22.73 26.79 -14.07
CA GLY A 34 -23.84 27.57 -14.59
C GLY A 34 -23.57 28.68 -15.59
N ASN A 35 -22.40 29.29 -15.56
CA ASN A 35 -22.11 30.36 -16.50
C ASN A 35 -21.91 29.83 -17.90
N MET A 36 -22.93 29.15 -18.43
CA MET A 36 -22.83 28.58 -19.77
C MET A 36 -23.33 29.57 -20.81
N GLY A 37 -24.11 30.53 -20.36
CA GLY A 37 -24.64 31.54 -21.26
C GLY A 37 -25.37 31.03 -22.48
N VAL A 38 -26.54 30.43 -22.29
CA VAL A 38 -27.35 29.93 -23.38
C VAL A 38 -28.74 30.53 -23.18
N ALA A 39 -28.77 31.85 -23.02
CA ALA A 39 -29.98 32.65 -22.79
C ALA A 39 -31.29 31.87 -22.78
N GLN A 40 -31.55 31.14 -23.86
CA GLN A 40 -32.78 30.36 -23.97
C GLN A 40 -32.89 29.31 -22.86
N CYS A 41 -32.00 29.40 -21.87
CA CYS A 41 -32.00 28.43 -20.76
C CYS A 41 -31.79 29.00 -19.37
N GLY A 42 -31.72 30.32 -19.27
CA GLY A 42 -31.53 30.91 -17.95
C GLY A 42 -30.08 31.06 -17.56
N PRO A 43 -29.67 32.26 -17.14
CA PRO A 43 -28.30 32.61 -16.73
C PRO A 43 -27.59 31.61 -15.82
N SER A 44 -28.31 31.05 -14.86
CA SER A 44 -27.71 30.11 -13.94
C SER A 44 -27.98 28.63 -14.22
N SER A 45 -28.46 28.32 -15.42
CA SER A 45 -28.72 26.91 -15.75
C SER A 45 -27.40 26.16 -15.74
N ALA A 46 -27.34 25.06 -14.99
CA ALA A 46 -26.14 24.23 -14.90
C ALA A 46 -26.30 23.04 -15.85
N VAL A 47 -27.55 22.68 -16.11
CA VAL A 47 -27.89 21.60 -17.02
C VAL A 47 -29.05 22.11 -17.84
N CYS A 48 -28.81 22.25 -19.13
CA CYS A 48 -29.80 22.77 -20.08
C CYS A 48 -30.17 21.69 -21.08
N MET A 49 -31.42 21.24 -21.05
CA MET A 49 -31.86 20.22 -21.97
C MET A 49 -32.43 20.88 -23.22
N HIS A 50 -32.07 20.34 -24.38
CA HIS A 50 -32.57 20.86 -25.65
C HIS A 50 -33.30 19.76 -26.37
N ASP A 51 -34.62 19.88 -26.41
CA ASP A 51 -35.47 18.92 -27.08
C ASP A 51 -35.33 19.22 -28.56
N LEU A 52 -34.74 18.29 -29.31
CA LEU A 52 -34.53 18.50 -30.74
C LEU A 52 -35.79 18.53 -31.60
N LYS A 53 -36.68 17.55 -31.41
CA LYS A 53 -37.91 17.52 -32.19
C LYS A 53 -38.71 18.81 -32.04
N THR A 54 -39.00 19.21 -30.79
CA THR A 54 -39.74 20.44 -30.57
C THR A 54 -38.78 21.63 -30.54
N ASP A 55 -37.53 21.37 -30.93
CA ASP A 55 -36.48 22.38 -30.97
C ASP A 55 -36.63 23.41 -29.85
N SER A 56 -36.60 22.95 -28.61
CA SER A 56 -36.75 23.86 -27.48
C SER A 56 -35.69 23.66 -26.40
N PHE A 57 -35.54 24.67 -25.56
CA PHE A 57 -34.56 24.62 -24.48
C PHE A 57 -35.25 24.65 -23.13
N HIS A 58 -35.07 23.57 -22.39
CA HIS A 58 -35.66 23.40 -21.08
C HIS A 58 -34.56 23.17 -20.05
N SER A 59 -34.41 24.09 -19.11
CA SER A 59 -33.38 23.95 -18.08
C SER A 59 -33.86 22.98 -17.00
N VAL A 60 -33.03 21.98 -16.70
CA VAL A 60 -33.39 20.96 -15.71
C VAL A 60 -32.46 20.93 -14.51
N GLY A 61 -31.70 22.01 -14.33
CA GLY A 61 -30.78 22.08 -13.21
C GLY A 61 -30.19 23.46 -13.08
N ASP A 62 -30.39 24.09 -11.93
CA ASP A 62 -29.86 25.42 -11.72
C ASP A 62 -28.62 25.40 -10.83
N SER A 63 -27.60 26.13 -11.27
CA SER A 63 -26.34 26.22 -10.55
C SER A 63 -26.43 26.79 -9.14
N LEU A 64 -27.41 27.66 -8.89
CA LEU A 64 -27.55 28.26 -7.56
C LEU A 64 -28.34 27.39 -6.59
N LEU A 65 -28.79 26.22 -7.05
CA LEU A 65 -29.56 25.31 -6.22
C LEU A 65 -28.83 23.98 -6.24
N LYS A 66 -27.53 24.05 -5.98
CA LYS A 66 -26.69 22.88 -5.99
C LYS A 66 -26.51 22.25 -4.62
N THR A 67 -26.40 20.93 -4.60
CA THR A 67 -26.14 20.19 -3.36
C THR A 67 -24.98 19.29 -3.74
N ALA A 68 -23.83 19.46 -3.09
CA ALA A 68 -22.66 18.66 -3.42
C ALA A 68 -22.14 17.75 -2.32
N SER A 69 -21.62 16.61 -2.73
CA SER A 69 -21.05 15.62 -1.82
C SER A 69 -19.75 15.23 -2.52
N ARG A 70 -19.04 14.24 -1.98
CA ARG A 70 -17.79 13.81 -2.59
C ARG A 70 -17.98 13.46 -4.07
N SER A 71 -18.75 12.41 -4.34
CA SER A 71 -18.98 11.98 -5.72
C SER A 71 -20.37 12.25 -6.27
N LEU A 72 -21.06 13.28 -5.78
CA LEU A 72 -22.41 13.57 -6.26
C LEU A 72 -22.83 15.02 -6.31
N LEU A 73 -23.32 15.46 -7.46
CA LEU A 73 -23.80 16.81 -7.65
C LEU A 73 -25.26 16.81 -8.07
N GLU A 74 -26.09 17.48 -7.26
CA GLU A 74 -27.51 17.57 -7.52
C GLU A 74 -27.86 19.02 -7.81
N PHE A 75 -28.67 19.23 -8.84
CA PHE A 75 -29.09 20.56 -9.24
C PHE A 75 -30.60 20.63 -9.26
N ASN A 76 -31.18 21.39 -8.34
CA ASN A 76 -32.64 21.54 -8.29
C ASN A 76 -33.05 22.72 -9.15
N THR A 77 -34.35 22.81 -9.42
CA THR A 77 -34.89 23.91 -10.21
C THR A 77 -36.10 24.41 -9.43
N THR A 78 -36.83 25.37 -10.01
CA THR A 78 -38.02 25.90 -9.36
C THR A 78 -39.23 25.33 -10.08
N VAL A 79 -39.02 24.94 -11.33
CA VAL A 79 -40.08 24.36 -12.15
C VAL A 79 -40.51 23.04 -11.51
N ASN A 80 -41.80 22.86 -11.28
CA ASN A 80 -42.23 21.59 -10.69
C ASN A 80 -42.62 20.61 -11.79
N CYS A 81 -42.44 19.32 -11.52
CA CYS A 81 -42.77 18.27 -12.47
C CYS A 81 -44.27 18.04 -12.52
N LYS A 82 -44.70 17.09 -13.35
CA LYS A 82 -46.11 16.77 -13.47
C LYS A 82 -46.61 16.35 -12.09
N GLN A 83 -45.73 15.69 -11.33
CA GLN A 83 -46.08 15.23 -9.98
C GLN A 83 -45.89 16.36 -8.96
N GLN A 84 -46.96 16.65 -8.21
CA GLN A 84 -46.98 17.70 -7.18
C GLN A 84 -45.89 17.50 -6.13
N ASN A 85 -45.38 18.61 -5.60
CA ASN A 85 -44.33 18.59 -4.58
C ASN A 85 -42.98 18.15 -5.13
N HIS A 86 -42.92 17.98 -6.45
CA HIS A 86 -41.69 17.57 -7.11
C HIS A 86 -41.28 18.61 -8.14
N LYS A 87 -40.02 19.03 -8.07
CA LYS A 87 -39.50 20.01 -9.02
C LYS A 87 -38.44 19.31 -9.84
N ILE A 88 -38.21 19.82 -11.04
CA ILE A 88 -37.23 19.22 -11.94
C ILE A 88 -35.82 19.30 -11.34
N GLN A 89 -35.02 18.28 -11.62
CA GLN A 89 -33.65 18.26 -11.12
C GLN A 89 -32.71 17.37 -11.94
N SER A 90 -31.41 17.59 -11.70
CA SER A 90 -30.38 16.83 -12.37
C SER A 90 -29.43 16.28 -11.33
N SER A 91 -28.92 15.09 -11.60
CA SER A 91 -28.01 14.42 -10.68
C SER A 91 -26.82 13.88 -11.46
N ILE A 92 -25.61 14.21 -11.00
CA ILE A 92 -24.40 13.76 -11.65
C ILE A 92 -23.48 13.04 -10.69
N THR A 93 -23.23 11.77 -10.95
CA THR A 93 -22.35 11.02 -10.09
C THR A 93 -20.94 11.20 -10.63
N PHE A 94 -20.00 11.54 -9.74
CA PHE A 94 -18.62 11.74 -10.15
C PHE A 94 -17.75 10.61 -9.68
N LEU A 95 -17.00 10.05 -10.60
CA LEU A 95 -16.09 8.96 -10.28
C LEU A 95 -14.72 9.36 -10.77
N CYS A 96 -13.70 8.98 -9.98
CA CYS A 96 -12.33 9.28 -10.33
C CYS A 96 -11.98 8.62 -11.65
N GLY A 97 -11.35 9.38 -12.55
CA GLY A 97 -10.95 8.87 -13.85
C GLY A 97 -9.53 9.31 -14.16
N LYS A 98 -8.96 8.81 -15.26
CA LYS A 98 -7.61 9.15 -15.64
C LYS A 98 -7.49 10.25 -16.70
N THR A 99 -8.63 10.72 -17.17
CA THR A 99 -8.71 11.82 -18.13
C THR A 99 -9.90 12.66 -17.67
N LEU A 100 -10.10 13.83 -18.26
CA LEU A 100 -11.24 14.66 -17.87
C LEU A 100 -12.57 13.97 -18.22
N GLY A 101 -12.52 13.05 -19.16
CA GLY A 101 -13.70 12.29 -19.52
C GLY A 101 -14.90 13.03 -20.06
N THR A 102 -16.07 12.42 -19.86
CA THR A 102 -17.30 13.00 -20.36
C THR A 102 -18.53 12.67 -19.51
N PRO A 103 -19.43 13.64 -19.32
CA PRO A 103 -20.62 13.34 -18.52
C PRO A 103 -21.51 12.41 -19.36
N GLU A 104 -21.65 11.17 -18.92
CA GLU A 104 -22.45 10.19 -19.63
C GLU A 104 -23.89 10.23 -19.18
N PHE A 105 -24.80 10.38 -20.14
CA PHE A 105 -26.23 10.37 -19.82
C PHE A 105 -26.54 8.94 -19.40
N VAL A 106 -27.21 8.77 -18.26
CA VAL A 106 -27.53 7.42 -17.84
C VAL A 106 -29.02 7.16 -18.03
N THR A 107 -29.85 8.14 -17.70
CA THR A 107 -31.29 7.99 -17.85
C THR A 107 -32.04 9.19 -17.27
N ALA A 108 -33.27 9.38 -17.74
CA ALA A 108 -34.08 10.49 -17.26
C ALA A 108 -35.50 10.03 -17.02
N THR A 109 -36.24 10.85 -16.29
CA THR A 109 -37.64 10.58 -16.00
C THR A 109 -38.31 11.94 -16.05
N ASP A 110 -39.62 11.93 -16.16
CA ASP A 110 -40.40 13.16 -16.21
C ASP A 110 -39.84 14.21 -15.26
N CYS A 111 -39.32 13.73 -14.13
CA CYS A 111 -38.82 14.60 -13.08
C CYS A 111 -37.31 14.74 -12.85
N VAL A 112 -36.52 13.69 -13.11
CA VAL A 112 -35.09 13.75 -12.87
C VAL A 112 -34.18 13.23 -13.97
N HIS A 113 -33.16 14.03 -14.31
CA HIS A 113 -32.20 13.64 -15.33
C HIS A 113 -30.88 13.19 -14.67
N TYR A 114 -30.47 11.95 -14.94
CA TYR A 114 -29.26 11.39 -14.35
C TYR A 114 -28.08 11.27 -15.29
N PHE A 115 -26.88 11.53 -14.74
CA PHE A 115 -25.63 11.48 -15.49
C PHE A 115 -24.54 10.83 -14.63
N GLU A 116 -23.49 10.33 -15.28
CA GLU A 116 -22.36 9.71 -14.60
C GLU A 116 -21.12 10.33 -15.26
N TRP A 117 -20.09 10.60 -14.48
CA TRP A 117 -18.91 11.25 -15.06
C TRP A 117 -17.60 10.77 -14.46
N ARG A 118 -16.88 9.94 -15.19
CA ARG A 118 -15.57 9.47 -14.72
C ARG A 118 -14.61 10.58 -15.14
N THR A 119 -14.00 11.23 -14.16
CA THR A 119 -13.11 12.33 -14.47
C THR A 119 -11.98 12.52 -13.45
N THR A 120 -10.86 13.05 -13.92
CA THR A 120 -9.72 13.29 -13.05
C THR A 120 -10.16 14.24 -11.94
N ALA A 121 -11.00 15.21 -12.32
CA ALA A 121 -11.50 16.21 -11.37
C ALA A 121 -12.10 15.63 -10.10
N ALA A 122 -12.67 14.42 -10.19
CA ALA A 122 -13.29 13.80 -9.03
C ALA A 122 -12.41 12.80 -8.29
N CYS A 123 -11.09 12.91 -8.43
CA CYS A 123 -10.18 12.00 -7.75
C CYS A 123 -9.63 12.58 -6.43
N LYS A 124 -9.59 11.76 -5.39
CA LYS A 124 -9.08 12.18 -4.07
C LYS A 124 -7.63 12.62 -4.23
N LYS A 125 -6.80 11.68 -4.66
CA LYS A 125 -5.39 11.97 -4.89
C LYS A 125 -5.29 12.71 -6.20
N ASN A 126 -5.13 14.02 -6.12
CA ASN A 126 -5.04 14.89 -7.28
C ASN A 126 -3.89 14.55 -8.21
N ILE A 127 -3.23 13.43 -7.96
CA ILE A 127 -2.10 13.00 -8.77
C ILE A 127 -2.51 12.79 -10.23
N PHE A 128 -3.78 12.45 -10.45
CA PHE A 128 -4.28 12.19 -11.80
C PHE A 128 -4.63 13.43 -12.62
N LYS A 129 -4.35 14.61 -12.08
CA LYS A 129 -4.65 15.85 -12.79
C LYS A 129 -3.53 16.30 -13.73
N ALA A 130 -3.92 16.74 -14.91
CA ALA A 130 -2.97 17.25 -15.89
C ALA A 130 -2.85 18.74 -15.61
N ASN A 131 -1.84 19.38 -16.17
CA ASN A 131 -1.68 20.82 -15.94
C ASN A 131 -2.84 21.54 -16.62
N LYS A 132 -3.26 21.02 -17.77
CA LYS A 132 -4.38 21.59 -18.50
C LYS A 132 -4.94 20.55 -19.46
N GLU A 133 -6.22 20.28 -19.33
CA GLU A 133 -6.88 19.30 -20.19
C GLU A 133 -8.18 19.96 -20.66
N VAL A 134 -8.54 19.69 -21.90
CA VAL A 134 -9.75 20.25 -22.48
C VAL A 134 -10.68 19.12 -22.91
N PRO A 135 -11.98 19.42 -23.10
CA PRO A 135 -12.95 18.41 -23.53
C PRO A 135 -12.40 17.69 -24.78
N CYS A 136 -12.37 16.37 -24.74
CA CYS A 136 -11.80 15.60 -25.84
C CYS A 136 -12.78 14.74 -26.64
N TYR A 137 -13.94 15.26 -26.96
CA TYR A 137 -14.92 14.48 -27.73
C TYR A 137 -15.97 15.43 -28.29
N ALA A 138 -16.78 14.93 -29.23
CA ALA A 138 -17.83 15.72 -29.83
C ALA A 138 -18.96 14.85 -30.40
N PHE A 139 -20.18 15.37 -30.32
CA PHE A 139 -21.35 14.67 -30.83
C PHE A 139 -21.61 15.23 -32.22
N ASP A 140 -22.00 14.36 -33.15
CA ASP A 140 -22.28 14.80 -34.50
C ASP A 140 -23.75 15.18 -34.69
N ARG A 141 -24.15 15.33 -35.94
CA ARG A 141 -25.52 15.71 -36.28
C ARG A 141 -26.53 14.65 -35.87
N GLU A 142 -26.12 13.39 -35.95
CA GLU A 142 -26.98 12.27 -35.59
C GLU A 142 -26.79 11.85 -34.13
N LEU A 143 -26.40 12.80 -33.28
CA LEU A 143 -26.16 12.56 -31.86
C LEU A 143 -25.24 11.39 -31.54
N LYS A 144 -24.24 11.14 -32.40
CA LYS A 144 -23.27 10.07 -32.15
C LYS A 144 -22.00 10.67 -31.55
N LYS A 145 -21.42 9.97 -30.58
CA LYS A 145 -20.21 10.43 -29.91
C LYS A 145 -18.92 10.02 -30.60
N HIS A 146 -18.06 11.00 -30.83
CA HIS A 146 -16.74 10.78 -31.41
C HIS A 146 -15.85 11.11 -30.21
N ASP A 147 -15.32 10.07 -29.56
CA ASP A 147 -14.52 10.27 -28.36
C ASP A 147 -13.04 9.94 -28.49
N LEU A 148 -12.21 10.97 -28.30
CA LEU A 148 -10.76 10.84 -28.38
C LEU A 148 -10.06 10.59 -27.03
N ASN A 149 -10.83 10.36 -25.97
CA ASN A 149 -10.24 10.12 -24.65
C ASN A 149 -9.25 8.98 -24.61
N PRO A 150 -9.53 7.86 -25.32
CA PRO A 150 -8.62 6.72 -25.32
C PRO A 150 -7.21 7.02 -25.82
N LEU A 151 -7.02 8.16 -26.47
CA LEU A 151 -5.71 8.55 -27.00
C LEU A 151 -4.90 9.48 -26.08
N ILE A 152 -5.58 10.13 -25.14
CA ILE A 152 -4.92 11.04 -24.21
C ILE A 152 -3.92 10.24 -23.37
N LYS A 153 -2.66 10.64 -23.39
CA LYS A 153 -1.64 9.94 -22.61
C LYS A 153 -1.48 10.58 -21.23
N THR A 154 -1.56 9.78 -20.18
CA THR A 154 -1.36 10.33 -18.84
C THR A 154 0.14 10.36 -18.60
N SER A 155 0.89 9.80 -19.55
CA SER A 155 2.35 9.76 -19.49
C SER A 155 2.96 9.60 -20.89
N GLY A 156 3.97 10.41 -21.19
CA GLY A 156 4.62 10.34 -22.48
C GLY A 156 3.90 11.16 -23.54
N ALA A 157 4.22 10.92 -24.80
CA ALA A 157 3.59 11.65 -25.90
C ALA A 157 3.70 10.86 -27.19
N TYR A 158 3.33 11.49 -28.31
CA TYR A 158 3.43 10.85 -29.60
C TYR A 158 4.44 11.64 -30.42
N LEU A 159 5.20 10.94 -31.27
CA LEU A 159 6.15 11.61 -32.12
C LEU A 159 5.46 11.78 -33.47
N VAL A 160 5.41 13.00 -33.96
CA VAL A 160 4.77 13.27 -35.24
C VAL A 160 5.78 13.04 -36.36
N ASP A 161 5.30 12.55 -37.49
CA ASP A 161 6.19 12.29 -38.63
C ASP A 161 6.31 13.51 -39.54
N ASP A 162 7.39 14.25 -39.39
CA ASP A 162 7.60 15.44 -40.22
C ASP A 162 8.64 15.14 -41.30
N SER A 163 9.37 14.04 -41.12
CA SER A 163 10.38 13.62 -42.06
C SER A 163 11.53 14.61 -42.10
N ASP A 164 11.72 15.30 -40.99
CA ASP A 164 12.81 16.26 -40.86
C ASP A 164 14.01 15.53 -40.24
N PRO A 165 15.19 15.97 -40.54
CA PRO A 165 16.23 15.21 -39.86
C PRO A 165 16.65 16.08 -38.63
N ASP A 166 16.61 17.40 -38.82
CA ASP A 166 16.98 18.39 -37.81
C ASP A 166 15.96 18.69 -36.69
N THR A 167 14.71 18.25 -36.85
CA THR A 167 13.71 18.51 -35.80
C THR A 167 12.86 17.32 -35.41
N SER A 168 12.36 17.39 -34.18
CA SER A 168 11.51 16.35 -33.62
C SER A 168 10.28 17.09 -33.09
N LEU A 169 9.11 16.46 -33.15
CA LEU A 169 7.90 17.11 -32.68
C LEU A 169 6.98 16.14 -31.95
N PHE A 170 6.77 16.41 -30.67
CA PHE A 170 5.92 15.56 -29.86
C PHE A 170 4.63 16.29 -29.53
N ILE A 171 3.57 15.52 -29.33
CA ILE A 171 2.27 16.09 -29.00
C ILE A 171 1.45 15.12 -28.16
N ASN A 172 0.64 15.67 -27.26
CA ASN A 172 -0.24 14.83 -26.46
C ASN A 172 -1.63 15.18 -26.98
N VAL A 173 -2.64 14.39 -26.60
CA VAL A 173 -3.98 14.67 -27.08
C VAL A 173 -4.87 15.35 -26.02
N CYS A 174 -5.37 16.54 -26.37
CA CYS A 174 -6.25 17.33 -25.52
C CYS A 174 -5.67 17.71 -24.17
N ARG A 175 -4.35 17.55 -24.02
CA ARG A 175 -3.75 17.85 -22.74
C ARG A 175 -2.24 18.06 -22.86
N ASP A 176 -1.64 18.63 -21.82
CA ASP A 176 -0.21 18.89 -21.82
C ASP A 176 0.54 17.57 -21.69
N ILE A 177 1.74 17.52 -22.25
CA ILE A 177 2.57 16.32 -22.16
C ILE A 177 3.11 16.31 -20.73
N GLU A 178 3.02 15.18 -20.05
CA GLU A 178 3.54 15.11 -18.70
C GLU A 178 5.04 14.94 -18.85
N VAL A 179 5.79 16.02 -18.64
CA VAL A 179 7.23 15.97 -18.79
C VAL A 179 7.93 15.48 -17.53
N LEU A 180 7.53 16.01 -16.38
CA LEU A 180 8.12 15.68 -15.09
C LEU A 180 8.63 14.24 -14.93
N ARG A 181 7.72 13.27 -14.87
CA ARG A 181 8.11 11.87 -14.70
C ARG A 181 7.82 11.05 -15.94
N ALA A 182 8.59 11.27 -17.00
CA ALA A 182 8.43 10.54 -18.25
C ALA A 182 9.71 9.75 -18.54
N SER A 183 9.56 8.47 -18.87
CA SER A 183 10.71 7.62 -19.15
C SER A 183 11.65 8.23 -20.19
N SER A 184 11.16 8.35 -21.43
CA SER A 184 11.94 8.92 -22.52
C SER A 184 12.59 10.25 -22.13
N PRO A 185 13.93 10.28 -22.03
CA PRO A 185 14.67 11.49 -21.66
C PRO A 185 14.59 12.59 -22.72
N GLN A 186 13.95 12.27 -23.83
CA GLN A 186 13.77 13.22 -24.92
C GLN A 186 12.58 14.13 -24.63
N VAL A 187 11.60 13.59 -23.92
CA VAL A 187 10.39 14.31 -23.58
C VAL A 187 10.57 15.15 -22.31
N ARG A 188 11.48 14.72 -21.44
CA ARG A 188 11.73 15.40 -20.19
C ARG A 188 12.29 16.83 -20.34
N VAL A 189 12.71 17.19 -21.54
CA VAL A 189 13.26 18.52 -21.79
C VAL A 189 12.20 19.54 -22.19
N CYS A 190 11.00 19.06 -22.49
CA CYS A 190 9.90 19.93 -22.89
C CYS A 190 9.41 20.80 -21.74
N PRO A 191 9.00 22.05 -22.03
CA PRO A 191 8.50 22.98 -21.01
C PRO A 191 7.17 22.47 -20.43
N THR A 192 7.05 22.45 -19.11
CA THR A 192 5.84 21.97 -18.48
C THR A 192 4.62 22.72 -19.02
N GLY A 193 3.53 21.99 -19.25
CA GLY A 193 2.33 22.63 -19.76
C GLY A 193 2.22 22.65 -21.28
N ALA A 194 3.30 22.24 -21.95
CA ALA A 194 3.30 22.22 -23.40
C ALA A 194 2.50 21.03 -23.86
N ALA A 195 1.69 21.23 -24.91
CA ALA A 195 0.86 20.19 -25.50
C ALA A 195 1.59 19.71 -26.75
N ALA A 196 2.27 20.64 -27.40
CA ALA A 196 3.07 20.36 -28.59
C ALA A 196 4.46 20.83 -28.21
N CYS A 197 5.44 19.97 -28.42
CA CYS A 197 6.81 20.30 -28.07
C CYS A 197 7.80 20.15 -29.24
N LEU A 198 8.45 21.26 -29.59
CA LEU A 198 9.40 21.25 -30.69
C LEU A 198 10.83 21.20 -30.18
N VAL A 199 11.54 20.13 -30.52
CA VAL A 199 12.93 19.98 -30.12
C VAL A 199 13.78 20.08 -31.37
N ARG A 200 14.45 21.21 -31.55
CA ARG A 200 15.29 21.41 -32.72
C ARG A 200 16.71 21.77 -32.32
N GLY A 201 17.63 20.83 -32.55
CA GLY A 201 19.02 21.04 -32.21
C GLY A 201 19.17 21.21 -30.71
N ASP A 202 18.69 20.24 -29.97
CA ASP A 202 18.77 20.31 -28.51
C ASP A 202 18.43 21.74 -28.10
N ARG A 203 17.15 22.09 -28.24
CA ARG A 203 16.65 23.41 -27.90
C ARG A 203 15.25 23.35 -27.30
N ALA A 204 14.48 22.28 -27.57
CA ALA A 204 13.14 22.09 -26.97
C ALA A 204 12.32 23.35 -26.73
N PHE A 205 11.39 23.63 -27.64
CA PHE A 205 10.51 24.81 -27.49
C PHE A 205 9.01 24.42 -27.32
N ASP A 206 8.26 25.21 -26.56
CA ASP A 206 6.84 24.93 -26.37
C ASP A 206 6.08 25.68 -27.47
N VAL A 207 5.43 24.93 -28.37
CA VAL A 207 4.70 25.55 -29.47
C VAL A 207 3.19 25.31 -29.44
N GLY A 208 2.63 25.10 -28.24
CA GLY A 208 1.21 24.88 -28.16
C GLY A 208 0.73 24.33 -26.84
N ARG A 209 -0.30 24.97 -26.29
CA ARG A 209 -0.88 24.54 -25.02
C ARG A 209 -2.38 24.42 -25.25
N PRO A 210 -3.02 23.43 -24.63
CA PRO A 210 -4.46 23.28 -24.82
C PRO A 210 -5.27 24.47 -24.29
N GLN A 211 -6.29 24.88 -25.04
CA GLN A 211 -7.13 26.00 -24.62
C GLN A 211 -8.61 25.69 -24.85
N GLU A 212 -8.98 25.43 -26.11
CA GLU A 212 -10.37 25.11 -26.43
C GLU A 212 -10.56 23.62 -26.58
N GLY A 213 -11.80 23.19 -26.40
CA GLY A 213 -12.12 21.79 -26.52
C GLY A 213 -12.09 21.28 -27.95
N LEU A 214 -12.29 19.97 -28.11
CA LEU A 214 -12.31 19.29 -29.41
C LEU A 214 -13.48 19.85 -30.22
N LYS A 215 -13.26 20.15 -31.49
CA LYS A 215 -14.30 20.66 -32.36
C LYS A 215 -14.60 19.75 -33.55
N LEU A 216 -15.87 19.41 -33.76
CA LEU A 216 -16.27 18.59 -34.92
C LEU A 216 -16.37 19.61 -36.04
N VAL A 217 -15.74 19.37 -37.19
CA VAL A 217 -15.81 20.37 -38.24
C VAL A 217 -16.61 20.07 -39.50
N SER A 218 -16.39 18.92 -40.11
CA SER A 218 -17.12 18.60 -41.32
C SER A 218 -18.20 17.56 -41.07
N ASN A 219 -18.73 17.54 -39.84
CA ASN A 219 -19.76 16.57 -39.45
C ASN A 219 -19.09 15.22 -39.23
N ASP A 220 -17.80 15.18 -39.53
CA ASP A 220 -17.00 13.99 -39.41
C ASP A 220 -15.64 14.25 -38.79
N ARG A 221 -14.85 15.11 -39.42
CA ARG A 221 -13.51 15.44 -38.94
C ARG A 221 -13.53 16.16 -37.61
N LEU A 222 -12.45 15.99 -36.86
CA LEU A 222 -12.32 16.60 -35.55
C LEU A 222 -11.05 17.44 -35.53
N VAL A 223 -11.11 18.61 -34.91
CA VAL A 223 -9.93 19.44 -34.85
C VAL A 223 -9.67 19.92 -33.42
N LEU A 224 -8.39 19.98 -33.07
CA LEU A 224 -7.92 20.41 -31.76
C LEU A 224 -6.83 21.44 -32.03
N SER A 225 -6.96 22.63 -31.45
CA SER A 225 -6.00 23.69 -31.67
C SER A 225 -5.23 24.11 -30.43
N TYR A 226 -3.92 24.02 -30.51
CA TYR A 226 -3.07 24.44 -29.40
C TYR A 226 -2.59 25.82 -29.78
N VAL A 227 -2.45 26.69 -28.78
CA VAL A 227 -2.02 28.06 -29.02
C VAL A 227 -0.82 28.41 -28.17
N LYS A 228 -0.01 29.34 -28.65
CA LYS A 228 1.19 29.76 -27.93
C LYS A 228 1.40 31.24 -28.17
N GLU A 229 0.34 32.02 -28.00
CA GLU A 229 0.43 33.46 -28.21
C GLU A 229 1.23 34.15 -27.13
N GLY A 230 1.52 35.43 -27.33
CA GLY A 230 2.28 36.17 -26.34
C GLY A 230 3.75 36.33 -26.69
N ALA A 231 4.51 36.88 -25.75
CA ALA A 231 5.94 37.13 -25.92
C ALA A 231 6.76 35.86 -25.79
N GLY A 232 8.05 35.96 -26.07
CA GLY A 232 8.92 34.80 -25.97
C GLY A 232 8.88 33.88 -27.19
N GLN A 233 8.36 34.39 -28.30
CA GLN A 233 8.28 33.59 -29.53
C GLN A 233 9.68 33.31 -30.06
N PRO A 234 9.99 32.03 -30.34
CA PRO A 234 11.31 31.65 -30.86
C PRO A 234 11.67 32.48 -32.08
N ASP A 235 12.96 32.81 -32.20
CA ASP A 235 13.45 33.62 -33.31
C ASP A 235 13.11 33.09 -34.71
N PHE A 236 13.02 31.78 -34.86
CA PHE A 236 12.72 31.19 -36.16
C PHE A 236 11.24 31.17 -36.57
N CYS A 237 10.40 31.87 -35.80
CA CYS A 237 8.98 31.94 -36.12
C CYS A 237 8.71 33.28 -36.80
N ASP A 238 9.73 34.13 -36.82
CA ASP A 238 9.65 35.44 -37.44
C ASP A 238 8.37 36.22 -37.13
N GLY A 239 8.30 36.76 -35.92
CA GLY A 239 7.15 37.56 -35.52
C GLY A 239 5.85 36.81 -35.40
N HIS A 240 5.89 35.50 -35.62
CA HIS A 240 4.69 34.68 -35.54
C HIS A 240 4.66 33.98 -34.19
N SER A 241 3.45 33.69 -33.72
CA SER A 241 3.29 32.98 -32.47
C SER A 241 3.05 31.54 -32.89
N PRO A 242 3.64 30.58 -32.16
CA PRO A 242 3.48 29.15 -32.47
C PRO A 242 2.02 28.71 -32.41
N ALA A 243 1.67 27.70 -33.19
CA ALA A 243 0.31 27.15 -33.19
C ALA A 243 0.34 25.75 -33.79
N VAL A 244 -0.44 24.86 -33.19
CA VAL A 244 -0.51 23.47 -33.63
C VAL A 244 -1.98 23.19 -33.87
N THR A 245 -2.30 22.62 -35.03
CA THR A 245 -3.68 22.29 -35.36
C THR A 245 -3.74 20.86 -35.87
N ILE A 246 -4.27 19.98 -35.04
CA ILE A 246 -4.38 18.56 -35.36
C ILE A 246 -5.75 18.24 -35.89
N THR A 247 -5.81 17.63 -37.07
CA THR A 247 -7.09 17.22 -37.64
C THR A 247 -7.15 15.71 -37.54
N PHE A 248 -8.18 15.18 -36.90
CA PHE A 248 -8.31 13.73 -36.79
C PHE A 248 -9.37 13.28 -37.82
N VAL A 249 -9.03 12.31 -38.66
CA VAL A 249 -10.00 11.85 -39.65
C VAL A 249 -10.32 10.37 -39.49
N CYS A 250 -11.60 10.03 -39.61
CA CYS A 250 -12.05 8.66 -39.49
C CYS A 250 -12.00 7.97 -40.85
N PRO A 251 -11.22 6.89 -40.98
CA PRO A 251 -11.05 6.12 -42.22
C PRO A 251 -12.37 5.52 -42.74
N SER A 252 -12.54 5.49 -44.06
CA SER A 252 -13.76 4.92 -44.64
C SER A 252 -13.84 3.43 -44.32
N GLU A 253 -12.68 2.81 -44.15
CA GLU A 253 -12.63 1.38 -43.85
C GLU A 253 -11.52 1.09 -42.84
N ARG A 254 -11.67 -0.01 -42.11
CA ARG A 254 -10.70 -0.41 -41.11
C ARG A 254 -9.29 -0.49 -41.68
N ARG A 255 -8.32 -0.21 -40.82
CA ARG A 255 -6.92 -0.26 -41.21
C ARG A 255 -6.01 -0.19 -39.99
N GLU A 256 -4.74 -0.52 -40.18
CA GLU A 256 -3.77 -0.49 -39.11
C GLU A 256 -3.60 0.94 -38.63
N GLY A 257 -3.45 1.10 -37.32
CA GLY A 257 -3.27 2.43 -36.80
C GLY A 257 -2.05 3.07 -37.44
N THR A 258 -2.11 4.37 -37.66
CA THR A 258 -1.01 5.11 -38.25
C THR A 258 -0.49 6.16 -37.26
N ILE A 259 0.52 6.91 -37.67
CA ILE A 259 1.12 7.94 -36.81
C ILE A 259 0.67 9.31 -37.26
N PRO A 260 0.36 10.20 -36.31
CA PRO A 260 -0.08 11.54 -36.72
C PRO A 260 1.00 12.15 -37.63
N LYS A 261 0.60 12.57 -38.82
CA LYS A 261 1.50 13.16 -39.80
C LYS A 261 1.47 14.68 -39.87
N LEU A 262 2.64 15.24 -40.11
CA LEU A 262 2.82 16.69 -40.23
C LEU A 262 2.57 17.06 -41.70
N THR A 263 1.54 17.87 -41.94
CA THR A 263 1.22 18.26 -43.30
C THR A 263 1.67 19.68 -43.66
N ALA A 264 2.06 20.47 -42.65
CA ALA A 264 2.51 21.84 -42.88
C ALA A 264 3.22 22.37 -41.63
N LYS A 265 4.24 23.19 -41.82
CA LYS A 265 5.01 23.72 -40.68
C LYS A 265 5.65 25.08 -40.91
N SER A 266 5.01 25.95 -41.70
CA SER A 266 5.57 27.27 -41.95
C SER A 266 5.18 28.27 -40.85
N ASN A 267 6.09 29.19 -40.54
CA ASN A 267 5.84 30.21 -39.53
C ASN A 267 5.36 29.60 -38.22
N CYS A 268 5.99 28.49 -37.83
CA CYS A 268 5.64 27.79 -36.61
C CYS A 268 4.15 27.46 -36.48
N ARG A 269 3.47 27.48 -37.62
CA ARG A 269 2.04 27.14 -37.68
C ARG A 269 1.96 25.70 -38.17
N PHE A 270 2.05 24.76 -37.23
CA PHE A 270 2.01 23.33 -37.57
C PHE A 270 0.62 22.75 -37.78
N GLU A 271 0.44 22.05 -38.89
CA GLU A 271 -0.82 21.40 -39.20
C GLU A 271 -0.52 19.92 -39.21
N ILE A 272 -1.24 19.16 -38.39
CA ILE A 272 -1.02 17.73 -38.29
C ILE A 272 -2.28 16.97 -38.67
N GLU A 273 -2.11 15.85 -39.36
CA GLU A 273 -3.24 15.02 -39.74
C GLU A 273 -3.12 13.64 -39.07
N TRP A 274 -4.15 13.27 -38.31
CA TRP A 274 -4.10 11.98 -37.66
C TRP A 274 -5.29 11.16 -38.13
N VAL A 275 -5.00 10.06 -38.83
CA VAL A 275 -6.05 9.18 -39.30
C VAL A 275 -6.15 8.09 -38.25
N THR A 276 -7.25 8.05 -37.51
CA THR A 276 -7.44 7.06 -36.48
C THR A 276 -8.91 6.73 -36.39
N GLU A 277 -9.24 5.46 -36.23
CA GLU A 277 -10.65 5.10 -36.15
C GLU A 277 -11.27 5.61 -34.85
N TYR A 278 -10.47 6.27 -34.02
CA TYR A 278 -11.01 6.83 -32.79
C TYR A 278 -11.81 8.09 -33.12
N ALA A 279 -11.74 8.52 -34.38
CA ALA A 279 -12.49 9.69 -34.84
C ALA A 279 -13.89 9.26 -35.31
N CYS A 280 -14.11 7.96 -35.42
CA CYS A 280 -15.40 7.42 -35.86
C CYS A 280 -16.32 7.32 -34.65
N HIS A 281 -17.63 7.30 -34.86
CA HIS A 281 -18.54 7.21 -33.74
C HIS A 281 -18.26 5.99 -32.88
N ARG A 282 -18.28 6.20 -31.57
CA ARG A 282 -17.99 5.17 -30.57
C ARG A 282 -18.63 3.83 -30.89
N ASP A 283 -19.94 3.83 -31.12
CA ASP A 283 -20.69 2.61 -31.43
C ASP A 283 -20.09 1.80 -32.59
N TYR A 284 -19.24 2.43 -33.38
CA TYR A 284 -18.59 1.76 -34.49
C TYR A 284 -17.39 0.96 -33.99
N LEU A 285 -16.77 1.45 -32.92
CA LEU A 285 -15.60 0.84 -32.33
C LEU A 285 -15.90 -0.06 -31.13
N GLU A 286 -17.07 0.10 -30.52
CA GLU A 286 -17.35 -0.68 -29.33
C GLU A 286 -18.65 -1.44 -29.21
N SER A 287 -18.66 -2.35 -28.26
CA SER A 287 -19.79 -3.20 -27.93
C SER A 287 -19.78 -3.44 -26.43
N ARG A 288 -20.94 -3.78 -25.88
CA ARG A 288 -21.03 -4.05 -24.46
C ARG A 288 -21.08 -5.54 -24.21
N SER A 289 -20.85 -6.33 -25.24
CA SER A 289 -20.86 -7.78 -25.14
C SER A 289 -19.55 -8.32 -25.68
N CYS A 290 -19.37 -9.62 -25.63
CA CYS A 290 -18.15 -10.21 -26.10
C CYS A 290 -18.07 -10.47 -27.60
N SER A 291 -18.85 -9.71 -28.34
CA SER A 291 -18.85 -9.84 -29.78
C SER A 291 -19.12 -8.52 -30.50
N LEU A 292 -18.63 -8.48 -31.74
CA LEU A 292 -18.77 -7.35 -32.63
C LEU A 292 -19.28 -7.95 -33.96
N SER A 293 -19.89 -7.11 -34.79
CA SER A 293 -20.42 -7.58 -36.06
C SER A 293 -19.94 -6.72 -37.22
N SER A 294 -20.08 -7.25 -38.44
CA SER A 294 -19.68 -6.52 -39.64
C SER A 294 -20.60 -5.32 -39.80
N ALA A 295 -21.88 -5.54 -39.57
CA ALA A 295 -22.88 -4.49 -39.71
C ALA A 295 -22.54 -3.22 -38.91
N GLN A 296 -22.42 -3.36 -37.61
CA GLN A 296 -22.12 -2.23 -36.72
C GLN A 296 -20.63 -1.88 -36.62
N HIS A 297 -19.79 -2.90 -36.57
CA HIS A 297 -18.36 -2.71 -36.38
C HIS A 297 -17.46 -2.83 -37.60
N ASP A 298 -17.98 -3.43 -38.67
CA ASP A 298 -17.20 -3.60 -39.90
C ASP A 298 -16.16 -4.69 -39.65
N VAL A 299 -16.38 -5.48 -38.61
CA VAL A 299 -15.47 -6.54 -38.24
C VAL A 299 -16.30 -7.47 -37.37
N ALA A 300 -16.10 -8.78 -37.51
CA ALA A 300 -16.88 -9.73 -36.72
C ALA A 300 -16.01 -10.52 -35.75
N VAL A 301 -16.34 -10.38 -34.47
CA VAL A 301 -15.61 -11.05 -33.41
C VAL A 301 -16.55 -11.61 -32.36
N ASP A 302 -16.31 -12.85 -31.96
CA ASP A 302 -17.12 -13.49 -30.91
C ASP A 302 -16.15 -14.16 -29.96
N LEU A 303 -15.96 -13.54 -28.80
CA LEU A 303 -15.04 -14.06 -27.79
C LEU A 303 -15.70 -15.08 -26.87
N GLN A 304 -17.03 -15.15 -26.95
CA GLN A 304 -17.79 -16.07 -26.12
C GLN A 304 -17.13 -17.45 -25.93
N PRO A 305 -16.61 -18.04 -27.01
CA PRO A 305 -15.97 -19.34 -26.90
C PRO A 305 -14.78 -19.42 -25.94
N LEU A 306 -14.27 -18.27 -25.50
CA LEU A 306 -13.15 -18.26 -24.56
C LEU A 306 -13.65 -18.49 -23.15
N SER A 307 -14.97 -18.64 -22.99
CA SER A 307 -15.58 -18.87 -21.68
C SER A 307 -16.00 -20.32 -21.49
N ARG A 308 -15.37 -21.26 -22.21
CA ARG A 308 -15.72 -22.67 -22.10
C ARG A 308 -15.81 -23.13 -20.65
N ASP A 313 -7.91 -25.61 -16.89
CA ASP A 313 -9.13 -26.35 -17.25
C ASP A 313 -10.29 -26.00 -16.34
N SER A 314 -10.02 -25.19 -15.32
CA SER A 314 -11.06 -24.78 -14.40
C SER A 314 -11.94 -23.79 -15.15
N LEU A 315 -13.06 -23.41 -14.57
CA LEU A 315 -13.97 -22.48 -15.21
C LEU A 315 -13.47 -21.04 -15.18
N PHE A 316 -12.16 -20.89 -15.01
CA PHE A 316 -11.55 -19.56 -14.96
C PHE A 316 -10.07 -19.61 -15.33
N TYR A 317 -9.57 -18.54 -15.92
CA TYR A 317 -8.17 -18.47 -16.29
C TYR A 317 -7.43 -17.83 -15.13
N THR A 318 -6.20 -18.27 -14.89
CA THR A 318 -5.41 -17.73 -13.79
C THR A 318 -4.05 -17.25 -14.26
N SER A 319 -3.83 -15.93 -14.22
CA SER A 319 -2.57 -15.34 -14.62
C SER A 319 -1.75 -15.09 -13.36
N GLU A 320 -0.59 -15.71 -13.29
CA GLU A 320 0.28 -15.56 -12.12
C GLU A 320 1.06 -14.25 -12.11
N ALA A 321 1.27 -13.72 -10.92
CA ALA A 321 2.01 -12.47 -10.78
C ALA A 321 2.94 -12.57 -9.58
N ASP A 322 3.94 -11.69 -9.54
CA ASP A 322 4.92 -11.67 -8.45
C ASP A 322 4.32 -11.60 -7.07
N GLU A 323 3.35 -10.73 -6.88
CA GLU A 323 2.75 -10.56 -5.56
C GLU A 323 1.28 -10.93 -5.45
N TYR A 324 0.62 -11.08 -6.59
CA TYR A 324 -0.81 -11.44 -6.60
C TYR A 324 -1.11 -12.49 -7.65
N THR A 325 -2.33 -13.02 -7.56
CA THR A 325 -2.81 -14.02 -8.52
C THR A 325 -4.08 -13.43 -9.13
N TYR A 326 -4.12 -13.36 -10.45
CA TYR A 326 -5.29 -12.81 -11.12
C TYR A 326 -6.15 -13.91 -11.71
N TYR A 327 -7.44 -13.90 -11.38
CA TYR A 327 -8.38 -14.90 -11.89
C TYR A 327 -9.33 -14.16 -12.81
N LEU A 328 -9.22 -14.42 -14.11
CA LEU A 328 -10.07 -13.75 -15.08
C LEU A 328 -11.19 -14.59 -15.68
N SER A 329 -12.38 -14.54 -15.11
CA SER A 329 -13.49 -15.29 -15.67
C SER A 329 -14.09 -14.34 -16.70
N ILE A 330 -13.85 -14.64 -17.98
CA ILE A 330 -14.31 -13.78 -19.07
C ILE A 330 -15.72 -14.04 -19.59
N CYS A 331 -16.46 -12.98 -19.86
CA CYS A 331 -17.80 -13.07 -20.43
C CYS A 331 -18.71 -14.10 -19.78
N GLY A 332 -19.18 -13.84 -18.57
CA GLY A 332 -20.07 -14.81 -17.93
C GLY A 332 -19.42 -16.09 -17.46
N GLY A 333 -18.21 -16.37 -17.95
CA GLY A 333 -17.49 -17.53 -17.48
C GLY A 333 -17.60 -17.45 -15.95
N SER A 334 -17.39 -18.56 -15.24
CA SER A 334 -17.49 -18.52 -13.79
C SER A 334 -16.16 -18.19 -13.14
N GLN A 335 -16.20 -17.67 -11.92
CA GLN A 335 -14.98 -17.31 -11.20
C GLN A 335 -14.40 -18.40 -10.32
N ALA A 336 -13.18 -18.15 -9.84
CA ALA A 336 -12.48 -19.09 -8.97
C ALA A 336 -13.16 -19.11 -7.62
N PRO A 337 -13.21 -20.29 -6.98
CA PRO A 337 -13.85 -20.46 -5.67
C PRO A 337 -13.36 -19.42 -4.65
N ILE A 338 -12.13 -18.97 -4.81
CA ILE A 338 -11.55 -18.00 -3.88
C ILE A 338 -12.12 -16.59 -4.11
N CYS A 339 -12.97 -16.46 -5.13
CA CYS A 339 -13.61 -15.18 -5.45
C CYS A 339 -15.11 -15.35 -5.57
N ASN A 340 -15.60 -16.58 -5.36
CA ASN A 340 -17.03 -16.87 -5.44
C ASN A 340 -17.77 -16.24 -4.26
N LYS A 341 -17.26 -15.11 -3.78
CA LYS A 341 -17.87 -14.40 -2.67
C LYS A 341 -18.25 -12.98 -3.12
N LYS A 342 -17.71 -12.58 -4.27
CA LYS A 342 -17.98 -11.26 -4.84
C LYS A 342 -18.12 -11.33 -6.35
N ASP A 343 -18.93 -10.43 -6.92
CA ASP A 343 -19.15 -10.38 -8.36
C ASP A 343 -18.01 -9.68 -9.10
N ALA A 344 -17.23 -10.46 -9.84
CA ALA A 344 -16.10 -9.90 -10.56
C ALA A 344 -15.68 -10.70 -11.79
N ALA A 345 -15.09 -10.00 -12.76
CA ALA A 345 -14.61 -10.63 -13.98
C ALA A 345 -13.11 -10.84 -13.81
N VAL A 346 -12.45 -9.84 -13.20
CA VAL A 346 -11.02 -9.93 -12.92
C VAL A 346 -10.90 -9.73 -11.42
N CYS A 347 -10.47 -10.79 -10.75
CA CYS A 347 -10.33 -10.79 -9.30
C CYS A 347 -8.87 -10.91 -8.92
N GLN A 348 -8.43 -10.09 -7.97
CA GLN A 348 -7.04 -10.10 -7.53
C GLN A 348 -6.89 -10.60 -6.10
N VAL A 349 -5.99 -11.58 -5.92
CA VAL A 349 -5.74 -12.14 -4.59
C VAL A 349 -4.29 -11.89 -4.17
N LYS A 350 -4.12 -11.42 -2.94
CA LYS A 350 -2.78 -11.14 -2.40
C LYS A 350 -2.06 -12.46 -2.14
N LYS A 351 -0.88 -12.64 -2.74
CA LYS A 351 -0.13 -13.88 -2.56
C LYS A 351 0.34 -14.13 -1.13
N ALA A 352 0.51 -13.05 -0.36
CA ALA A 352 0.93 -13.18 1.03
C ALA A 352 -0.26 -12.92 1.96
N ASP A 353 -1.46 -13.19 1.46
CA ASP A 353 -2.68 -12.99 2.22
C ASP A 353 -3.90 -13.47 1.44
N SER A 354 -4.18 -14.76 1.53
CA SER A 354 -5.31 -15.38 0.84
C SER A 354 -6.64 -14.68 1.13
N THR A 355 -6.61 -13.68 2.01
CA THR A 355 -7.81 -12.95 2.39
C THR A 355 -7.99 -11.58 1.73
N GLN A 356 -6.89 -10.95 1.33
CA GLN A 356 -7.00 -9.66 0.67
C GLN A 356 -7.34 -9.94 -0.80
N VAL A 357 -8.62 -9.75 -1.14
CA VAL A 357 -9.10 -9.98 -2.49
C VAL A 357 -9.63 -8.65 -3.03
N LYS A 358 -9.43 -8.41 -4.32
CA LYS A 358 -9.89 -7.16 -4.92
C LYS A 358 -10.49 -7.37 -6.30
N VAL A 359 -11.64 -6.76 -6.55
CA VAL A 359 -12.29 -6.87 -7.85
C VAL A 359 -11.71 -5.81 -8.78
N ALA A 360 -10.98 -6.25 -9.81
CA ALA A 360 -10.36 -5.32 -10.75
C ALA A 360 -11.16 -5.22 -12.05
N GLY A 361 -12.42 -5.62 -12.00
CA GLY A 361 -13.26 -5.56 -13.18
C GLY A 361 -14.56 -6.30 -12.98
N ARG A 362 -15.67 -5.61 -13.15
CA ARG A 362 -16.98 -6.25 -12.99
C ARG A 362 -17.50 -6.68 -14.36
N PRO A 363 -18.16 -7.84 -14.43
CA PRO A 363 -18.69 -8.34 -15.70
C PRO A 363 -19.76 -7.45 -16.36
N GLN A 364 -20.44 -6.66 -15.54
CA GLN A 364 -21.49 -5.77 -16.04
C GLN A 364 -20.87 -4.52 -16.66
N ASN A 365 -19.64 -4.22 -16.26
CA ASN A 365 -18.95 -3.06 -16.78
C ASN A 365 -17.89 -3.53 -17.77
N LEU A 366 -18.31 -4.05 -18.92
CA LEU A 366 -17.38 -4.53 -19.93
C LEU A 366 -17.49 -3.77 -21.23
N THR A 367 -16.36 -3.63 -21.91
CA THR A 367 -16.29 -2.93 -23.18
C THR A 367 -15.36 -3.66 -24.14
N LEU A 368 -15.92 -4.07 -25.28
CA LEU A 368 -15.16 -4.74 -26.32
C LEU A 368 -14.90 -3.68 -27.39
N ARG A 369 -13.64 -3.33 -27.58
CA ARG A 369 -13.27 -2.30 -28.52
C ARG A 369 -12.28 -2.78 -29.58
N TYR A 370 -12.44 -2.25 -30.79
CA TYR A 370 -11.54 -2.57 -31.88
C TYR A 370 -11.27 -1.26 -32.60
N SER A 371 -10.01 -0.86 -32.61
CA SER A 371 -9.66 0.40 -33.24
C SER A 371 -8.20 0.42 -33.68
N ASP A 372 -7.97 0.78 -34.93
CA ASP A 372 -6.62 0.85 -35.47
C ASP A 372 -5.87 -0.46 -35.34
N GLY A 373 -6.54 -1.56 -35.67
CA GLY A 373 -5.91 -2.86 -35.61
C GLY A 373 -5.83 -3.56 -34.27
N ASP A 374 -6.11 -2.86 -33.18
CA ASP A 374 -6.03 -3.47 -31.86
C ASP A 374 -7.38 -3.84 -31.26
N LEU A 375 -7.48 -5.07 -30.77
CA LEU A 375 -8.71 -5.53 -30.15
C LEU A 375 -8.49 -5.56 -28.64
N THR A 376 -9.29 -4.78 -27.94
CA THR A 376 -9.20 -4.67 -26.49
C THR A 376 -10.51 -5.00 -25.78
N LEU A 377 -10.41 -5.75 -24.69
CA LEU A 377 -11.58 -6.10 -23.87
C LEU A 377 -11.34 -5.41 -22.54
N ILE A 378 -12.23 -4.49 -22.16
CA ILE A 378 -12.08 -3.77 -20.91
C ILE A 378 -13.16 -4.10 -19.90
N TYR A 379 -12.75 -4.25 -18.64
CA TYR A 379 -13.66 -4.51 -17.54
C TYR A 379 -13.37 -3.43 -16.52
N PHE A 380 -14.41 -2.75 -16.04
CA PHE A 380 -14.19 -1.70 -15.06
C PHE A 380 -15.14 -1.73 -13.87
N GLY A 381 -15.28 -0.60 -13.19
CA GLY A 381 -16.13 -0.55 -12.03
C GLY A 381 -15.55 -1.43 -10.94
N GLY A 382 -14.23 -1.52 -10.90
CA GLY A 382 -13.59 -2.35 -9.89
C GLY A 382 -13.60 -1.66 -8.54
N GLU A 383 -13.08 -2.33 -7.52
CA GLU A 383 -13.07 -1.73 -6.19
C GLU A 383 -12.20 -0.49 -6.21
N GLU A 384 -12.54 0.49 -5.38
CA GLU A 384 -11.82 1.74 -5.32
C GLU A 384 -10.44 1.66 -4.68
N CYS A 385 -9.49 2.39 -5.26
CA CYS A 385 -8.15 2.46 -4.71
C CYS A 385 -8.14 3.80 -3.95
N SER A 386 -7.32 3.93 -2.93
CA SER A 386 -7.27 5.17 -2.14
C SER A 386 -7.46 6.45 -2.95
N SER A 387 -6.92 6.47 -4.18
CA SER A 387 -7.05 7.64 -5.05
C SER A 387 -8.52 7.88 -5.36
N GLY A 388 -9.29 6.81 -5.41
CA GLY A 388 -10.71 6.91 -5.71
C GLY A 388 -11.04 6.10 -6.95
N PHE A 389 -10.02 5.88 -7.78
CA PHE A 389 -10.15 5.12 -9.02
C PHE A 389 -10.67 3.70 -8.85
N GLN A 390 -11.82 3.40 -9.44
CA GLN A 390 -12.35 2.04 -9.35
C GLN A 390 -11.46 1.18 -10.25
N ARG A 391 -10.91 0.11 -9.67
CA ARG A 391 -10.02 -0.75 -10.45
C ARG A 391 -10.60 -1.10 -11.80
N MET A 392 -9.71 -1.30 -12.76
CA MET A 392 -10.09 -1.61 -14.12
C MET A 392 -9.02 -2.50 -14.75
N SER A 393 -9.43 -3.42 -15.62
CA SER A 393 -8.51 -4.33 -16.30
C SER A 393 -8.65 -4.23 -17.81
N VAL A 394 -7.53 -4.19 -18.53
CA VAL A 394 -7.59 -4.14 -19.99
C VAL A 394 -6.86 -5.34 -20.59
N ILE A 395 -7.60 -6.13 -21.36
CA ILE A 395 -7.05 -7.32 -22.00
C ILE A 395 -6.68 -7.04 -23.45
N ASN A 396 -5.38 -6.95 -23.73
CA ASN A 396 -4.91 -6.70 -25.09
C ASN A 396 -4.95 -8.01 -25.87
N PHE A 397 -5.89 -8.11 -26.83
CA PHE A 397 -6.02 -9.31 -27.63
C PHE A 397 -5.22 -9.27 -28.93
N GLU A 398 -4.48 -10.35 -29.18
CA GLU A 398 -3.66 -10.46 -30.36
C GLU A 398 -4.04 -11.72 -31.15
N CYS A 399 -3.99 -11.61 -32.48
CA CYS A 399 -4.32 -12.75 -33.34
C CYS A 399 -3.20 -13.78 -33.38
N ASN A 400 -3.58 -15.03 -33.11
CA ASN A 400 -2.65 -16.15 -33.15
C ASN A 400 -3.46 -17.42 -33.36
N GLN A 401 -3.58 -17.84 -34.62
CA GLN A 401 -4.34 -19.04 -34.97
C GLN A 401 -3.84 -20.27 -34.23
N THR A 402 -2.53 -20.36 -34.08
CA THR A 402 -1.91 -21.50 -33.40
C THR A 402 -1.49 -21.18 -31.96
N ALA A 403 -2.45 -21.28 -31.05
CA ALA A 403 -2.21 -21.03 -29.63
C ALA A 403 -2.69 -22.22 -28.81
N GLY A 404 -2.14 -22.38 -27.61
CA GLY A 404 -2.53 -23.49 -26.78
C GLY A 404 -4.04 -23.58 -26.64
N ASN A 405 -4.51 -24.62 -25.95
CA ASN A 405 -5.93 -24.83 -25.70
C ASN A 405 -6.82 -24.83 -26.94
N ASN A 406 -6.62 -25.81 -27.81
CA ASN A 406 -7.45 -25.92 -29.00
C ASN A 406 -7.65 -24.56 -29.65
N GLY A 407 -6.56 -23.79 -29.70
CA GLY A 407 -6.63 -22.45 -30.26
C GLY A 407 -6.70 -21.32 -29.22
N ARG A 408 -7.67 -21.45 -28.30
CA ARG A 408 -7.99 -20.50 -27.23
C ARG A 408 -6.91 -19.65 -26.54
N GLY A 409 -5.95 -20.30 -25.88
CA GLY A 409 -4.93 -19.53 -25.19
C GLY A 409 -5.15 -19.27 -23.72
N ALA A 410 -4.48 -18.25 -23.21
CA ALA A 410 -4.57 -17.86 -21.82
C ALA A 410 -4.03 -16.45 -21.63
N PRO A 411 -4.60 -15.69 -20.68
CA PRO A 411 -4.21 -14.31 -20.36
C PRO A 411 -2.86 -14.28 -19.65
N VAL A 412 -2.08 -13.24 -19.88
CA VAL A 412 -0.78 -13.12 -19.25
C VAL A 412 -0.68 -11.73 -18.64
N PHE A 413 -0.76 -11.66 -17.30
CA PHE A 413 -0.67 -10.38 -16.61
C PHE A 413 0.64 -9.70 -17.00
N THR A 414 0.56 -8.58 -17.71
CA THR A 414 1.78 -7.91 -18.12
C THR A 414 2.08 -6.61 -17.37
N GLY A 415 1.40 -6.38 -16.25
CA GLY A 415 1.67 -5.17 -15.48
C GLY A 415 0.50 -4.32 -14.99
N GLU A 416 0.76 -3.55 -13.94
CA GLU A 416 -0.24 -2.65 -13.33
C GLU A 416 0.22 -1.20 -13.37
N VAL A 417 -0.70 -0.28 -13.65
CA VAL A 417 -0.38 1.16 -13.67
C VAL A 417 -1.45 1.99 -12.95
N ASP A 418 -1.26 2.25 -11.66
CA ASP A 418 -2.20 3.03 -10.87
C ASP A 418 -3.65 2.51 -10.93
N CYS A 419 -3.78 1.27 -10.47
CA CYS A 419 -5.02 0.53 -10.39
C CYS A 419 -5.75 0.15 -11.67
N THR A 420 -4.98 0.04 -12.75
CA THR A 420 -5.47 -0.40 -14.06
C THR A 420 -4.54 -1.58 -14.34
N TYR A 421 -5.10 -2.77 -14.53
CA TYR A 421 -4.28 -3.95 -14.76
C TYR A 421 -4.30 -4.42 -16.21
N PHE A 422 -3.10 -4.58 -16.79
CA PHE A 422 -2.93 -4.98 -18.17
C PHE A 422 -2.59 -6.46 -18.39
N PHE A 423 -3.25 -7.06 -19.38
CA PHE A 423 -3.03 -8.46 -19.72
C PHE A 423 -2.88 -8.57 -21.22
N THR A 424 -2.30 -9.68 -21.67
CA THR A 424 -2.14 -9.95 -23.09
C THR A 424 -2.85 -11.29 -23.30
N TRP A 425 -3.57 -11.44 -24.40
CA TRP A 425 -4.26 -12.70 -24.63
C TRP A 425 -4.22 -13.15 -26.08
N ASP A 426 -3.22 -13.96 -26.41
CA ASP A 426 -3.05 -14.50 -27.75
C ASP A 426 -4.02 -15.63 -27.97
N THR A 427 -4.89 -15.46 -28.95
CA THR A 427 -5.90 -16.46 -29.26
C THR A 427 -6.28 -16.40 -30.72
N LYS A 428 -6.95 -17.44 -31.20
CA LYS A 428 -7.36 -17.46 -32.59
C LYS A 428 -8.61 -16.62 -32.74
N TYR A 429 -9.36 -16.50 -31.64
CA TYR A 429 -10.58 -15.71 -31.65
C TYR A 429 -10.29 -14.22 -31.81
N ALA A 430 -9.03 -13.85 -31.70
CA ALA A 430 -8.64 -12.45 -31.84
C ALA A 430 -8.17 -12.18 -33.26
N CYS A 431 -8.44 -13.12 -34.17
CA CYS A 431 -8.03 -12.96 -35.56
C CYS A 431 -9.10 -12.34 -36.44
N VAL A 432 -8.88 -11.09 -36.84
CA VAL A 432 -9.81 -10.37 -37.69
C VAL A 432 -9.78 -10.89 -39.12
N ALA B 7 21.79 -21.59 5.41
CA ALA B 7 20.61 -22.42 5.21
C ALA B 7 19.90 -22.66 6.54
N GLU B 8 18.59 -22.48 6.52
CA GLU B 8 17.76 -22.65 7.72
C GLU B 8 18.23 -21.77 8.86
N PHE B 9 17.75 -20.54 8.89
CA PHE B 9 18.09 -19.60 9.95
C PHE B 9 19.57 -19.66 10.33
N PRO B 10 20.46 -19.29 9.40
CA PRO B 10 21.89 -19.34 9.70
C PRO B 10 22.35 -18.45 10.87
N GLU B 11 21.63 -17.37 11.14
CA GLU B 11 22.02 -16.47 12.22
C GLU B 11 21.71 -16.98 13.64
N LEU B 12 21.19 -18.20 13.74
CA LEU B 12 20.89 -18.76 15.05
C LEU B 12 21.85 -19.89 15.37
N CYS B 13 22.66 -20.29 14.39
CA CYS B 13 23.60 -21.39 14.55
C CYS B 13 24.93 -21.10 15.22
N SER B 14 25.28 -19.83 15.37
CA SER B 14 26.57 -19.51 15.98
C SER B 14 26.53 -19.62 17.51
N TYR B 15 25.37 -20.00 18.06
CA TYR B 15 25.23 -20.09 19.50
C TYR B 15 24.38 -21.25 19.99
N THR B 16 24.46 -21.52 21.29
CA THR B 16 23.65 -22.57 21.90
C THR B 16 22.62 -21.82 22.73
N TRP B 17 21.36 -22.04 22.40
CA TRP B 17 20.24 -21.39 23.07
C TRP B 17 19.63 -22.28 24.14
N GLU B 18 19.05 -21.66 25.15
CA GLU B 18 18.44 -22.41 26.24
C GLU B 18 16.98 -22.05 26.42
N ALA B 19 16.23 -23.04 26.87
CA ALA B 19 14.80 -22.90 27.13
C ALA B 19 14.53 -23.72 28.38
N VAL B 20 13.58 -23.29 29.19
CA VAL B 20 13.27 -24.03 30.41
C VAL B 20 11.80 -24.37 30.56
N ASP B 21 11.57 -25.45 31.26
CA ASP B 21 10.24 -25.93 31.61
C ASP B 21 10.35 -25.86 33.11
N THR B 22 10.14 -24.67 33.67
CA THR B 22 10.25 -24.44 35.10
C THR B 22 9.37 -25.40 35.92
N LYS B 23 8.19 -25.71 35.42
CA LYS B 23 7.29 -26.60 36.13
C LYS B 23 7.95 -27.93 36.49
N ASN B 24 8.59 -28.56 35.51
CA ASN B 24 9.23 -29.86 35.73
C ASN B 24 10.73 -29.80 36.01
N ASN B 25 11.26 -28.59 36.13
CA ASN B 25 12.67 -28.38 36.40
C ASN B 25 13.59 -28.98 35.32
N MET B 26 13.21 -28.75 34.07
CA MET B 26 13.96 -29.23 32.91
C MET B 26 14.59 -28.03 32.21
N LEU B 27 15.87 -28.15 31.86
CA LEU B 27 16.53 -27.06 31.16
C LEU B 27 17.00 -27.62 29.83
N TYR B 28 16.57 -26.97 28.76
CA TYR B 28 16.92 -27.40 27.41
C TYR B 28 18.07 -26.63 26.77
N LYS B 29 18.89 -27.37 26.04
CA LYS B 29 20.00 -26.81 25.30
C LYS B 29 19.58 -26.94 23.84
N ILE B 30 19.59 -25.84 23.12
CA ILE B 30 19.18 -25.90 21.72
C ILE B 30 20.23 -25.39 20.75
N ASN B 31 20.68 -26.27 19.86
CA ASN B 31 21.63 -25.88 18.83
C ASN B 31 21.09 -26.33 17.48
N ILE B 32 20.55 -25.38 16.74
CA ILE B 32 19.97 -25.63 15.43
C ILE B 32 20.96 -26.34 14.50
N CYS B 33 22.24 -26.31 14.87
CA CYS B 33 23.28 -26.94 14.07
C CYS B 33 24.00 -28.15 14.70
N GLY B 34 23.42 -28.72 15.75
CA GLY B 34 24.01 -29.88 16.41
C GLY B 34 25.50 -29.85 16.73
N ASN B 35 25.96 -28.80 17.42
CA ASN B 35 27.36 -28.63 17.82
C ASN B 35 27.41 -27.89 19.16
N MET B 36 26.69 -28.42 20.15
CA MET B 36 26.63 -27.79 21.47
C MET B 36 27.74 -28.24 22.40
N GLY B 37 28.24 -29.45 22.17
CA GLY B 37 29.29 -29.98 22.99
C GLY B 37 28.78 -30.42 24.35
N VAL B 38 27.98 -31.47 24.37
CA VAL B 38 27.43 -32.01 25.61
C VAL B 38 27.54 -33.52 25.60
N ALA B 39 28.65 -34.01 26.16
CA ALA B 39 28.96 -35.43 26.23
C ALA B 39 27.77 -36.35 26.52
N GLN B 40 26.87 -35.92 27.41
CA GLN B 40 25.72 -36.73 27.79
C GLN B 40 24.63 -36.86 26.72
N CYS B 41 24.55 -35.87 25.82
CA CYS B 41 23.54 -35.92 24.78
C CYS B 41 24.01 -36.49 23.45
N GLY B 42 25.32 -36.48 23.22
CA GLY B 42 25.84 -36.99 21.97
C GLY B 42 26.26 -35.87 21.02
N PRO B 43 27.09 -36.19 20.02
CA PRO B 43 27.58 -35.23 19.03
C PRO B 43 26.54 -34.71 18.05
N SER B 44 25.49 -35.49 17.83
CA SER B 44 24.44 -35.11 16.88
C SER B 44 23.19 -34.51 17.53
N SER B 45 23.23 -34.28 18.84
CA SER B 45 22.07 -33.74 19.50
C SER B 45 21.80 -32.28 19.14
N ALA B 46 20.56 -31.97 18.78
CA ALA B 46 20.18 -30.62 18.43
C ALA B 46 19.36 -30.04 19.61
N VAL B 47 18.73 -30.93 20.37
CA VAL B 47 17.92 -30.53 21.52
C VAL B 47 18.23 -31.48 22.68
N CYS B 48 19.02 -30.96 23.61
CA CYS B 48 19.48 -31.66 24.79
C CYS B 48 18.65 -31.22 26.01
N MET B 49 18.01 -32.17 26.68
CA MET B 49 17.19 -31.86 27.86
C MET B 49 17.84 -32.30 29.16
N HIS B 50 18.15 -31.33 30.02
CA HIS B 50 18.80 -31.66 31.27
C HIS B 50 17.79 -31.77 32.41
N ASP B 51 17.48 -32.99 32.80
CA ASP B 51 16.53 -33.18 33.89
C ASP B 51 17.24 -32.70 35.14
N LEU B 52 16.94 -31.50 35.57
CA LEU B 52 17.59 -30.94 36.75
C LEU B 52 17.21 -31.66 38.05
N LYS B 53 16.14 -32.46 37.99
CA LYS B 53 15.71 -33.22 39.17
C LYS B 53 16.67 -34.38 39.40
N THR B 54 16.74 -35.28 38.42
CA THR B 54 17.61 -36.45 38.51
C THR B 54 19.04 -36.11 38.09
N ASP B 55 19.25 -34.86 37.67
CA ASP B 55 20.56 -34.39 37.22
C ASP B 55 21.15 -35.27 36.14
N SER B 56 20.40 -35.44 35.04
CA SER B 56 20.85 -36.26 33.93
C SER B 56 20.47 -35.59 32.61
N PHE B 57 21.10 -36.02 31.52
CA PHE B 57 20.81 -35.44 30.21
C PHE B 57 20.16 -36.46 29.26
N HIS B 58 19.31 -35.98 28.36
CA HIS B 58 18.65 -36.85 27.39
C HIS B 58 18.38 -36.03 26.15
N SER B 59 18.93 -36.48 25.03
CA SER B 59 18.68 -35.76 23.79
C SER B 59 17.23 -36.03 23.44
N VAL B 60 16.58 -35.07 22.80
CA VAL B 60 15.18 -35.24 22.41
C VAL B 60 15.03 -34.65 21.02
N GLY B 61 16.17 -34.46 20.36
CA GLY B 61 16.21 -33.91 19.01
C GLY B 61 17.57 -34.14 18.37
N ASP B 62 17.62 -34.99 17.35
CA ASP B 62 18.88 -35.28 16.66
C ASP B 62 18.97 -34.36 15.46
N SER B 63 20.09 -33.64 15.35
CA SER B 63 20.27 -32.72 14.24
C SER B 63 20.29 -33.41 12.86
N LEU B 64 20.63 -34.70 12.84
CA LEU B 64 20.68 -35.45 11.58
C LEU B 64 19.32 -35.99 11.18
N LEU B 65 18.44 -36.11 12.16
CA LEU B 65 17.09 -36.60 11.94
C LEU B 65 16.18 -35.38 11.95
N LYS B 66 16.50 -34.44 11.08
CA LYS B 66 15.79 -33.19 10.96
C LYS B 66 14.80 -33.13 9.81
N THR B 67 13.82 -32.23 9.93
CA THR B 67 12.82 -31.97 8.90
C THR B 67 12.61 -30.47 9.06
N ALA B 68 12.54 -29.74 7.96
CA ALA B 68 12.38 -28.29 8.08
C ALA B 68 11.57 -27.64 6.98
N SER B 69 10.90 -26.56 7.35
CA SER B 69 10.10 -25.76 6.43
C SER B 69 10.27 -24.34 6.93
N ARG B 70 9.87 -23.37 6.12
CA ARG B 70 9.98 -21.96 6.48
C ARG B 70 9.67 -21.66 7.94
N SER B 71 8.58 -22.21 8.44
CA SER B 71 8.15 -21.93 9.80
C SER B 71 8.17 -23.09 10.78
N LEU B 72 8.85 -24.19 10.45
CA LEU B 72 8.88 -25.30 11.38
C LEU B 72 10.11 -26.20 11.30
N LEU B 73 10.74 -26.40 12.47
CA LEU B 73 11.91 -27.25 12.59
C LEU B 73 11.55 -28.46 13.43
N GLU B 74 11.75 -29.65 12.87
CA GLU B 74 11.45 -30.88 13.58
C GLU B 74 12.71 -31.73 13.75
N PHE B 75 12.87 -32.28 14.94
CA PHE B 75 14.03 -33.10 15.24
C PHE B 75 13.62 -34.42 15.85
N ASN B 76 13.96 -35.51 15.17
CA ASN B 76 13.64 -36.84 15.67
C ASN B 76 14.81 -37.46 16.38
N THR B 77 14.55 -38.59 17.03
CA THR B 77 15.57 -39.34 17.74
C THR B 77 15.26 -40.79 17.44
N THR B 78 16.00 -41.70 18.08
CA THR B 78 15.77 -43.12 17.90
C THR B 78 15.41 -43.72 19.25
N VAL B 79 14.83 -42.88 20.10
CA VAL B 79 14.41 -43.28 21.43
C VAL B 79 12.89 -43.48 21.45
N ASN B 80 12.45 -44.66 21.87
CA ASN B 80 11.04 -44.97 21.90
C ASN B 80 10.22 -44.07 22.82
N ILE B 88 10.14 -40.25 20.12
CA ILE B 88 10.57 -39.01 20.79
C ILE B 88 11.13 -38.00 19.80
N GLN B 89 10.75 -36.74 19.98
CA GLN B 89 11.22 -35.71 19.07
C GLN B 89 11.00 -34.30 19.63
N SER B 90 11.57 -33.32 18.94
CA SER B 90 11.43 -31.93 19.32
C SER B 90 10.78 -31.17 18.17
N SER B 91 10.05 -30.12 18.53
CA SER B 91 9.36 -29.31 17.55
C SER B 91 9.50 -27.84 17.84
N ILE B 92 10.03 -27.07 16.88
CA ILE B 92 10.16 -25.64 17.09
C ILE B 92 9.41 -24.89 16.01
N THR B 93 8.48 -24.05 16.44
CA THR B 93 7.69 -23.27 15.51
C THR B 93 8.32 -21.88 15.45
N PHE B 94 8.71 -21.46 14.25
CA PHE B 94 9.32 -20.16 14.07
C PHE B 94 8.31 -19.15 13.57
N LEU B 95 8.40 -17.94 14.10
CA LEU B 95 7.51 -16.88 13.70
C LEU B 95 8.36 -15.64 13.56
N CYS B 96 8.02 -14.81 12.58
CA CYS B 96 8.74 -13.59 12.33
C CYS B 96 8.70 -12.68 13.57
N GLY B 97 9.88 -12.16 13.92
CA GLY B 97 10.01 -11.28 15.07
C GLY B 97 10.91 -10.14 14.69
N LYS B 98 10.99 -9.11 15.51
CA LYS B 98 11.85 -7.97 15.20
C LYS B 98 13.20 -7.98 15.92
N THR B 99 13.47 -9.05 16.66
CA THR B 99 14.75 -9.21 17.35
C THR B 99 15.11 -10.68 17.17
N LEU B 100 16.35 -11.04 17.46
CA LEU B 100 16.75 -12.43 17.32
C LEU B 100 15.87 -13.26 18.24
N GLY B 101 15.50 -12.66 19.37
CA GLY B 101 14.63 -13.33 20.30
C GLY B 101 15.25 -14.49 21.04
N THR B 102 14.39 -15.39 21.49
CA THR B 102 14.78 -16.56 22.24
C THR B 102 13.69 -17.61 22.05
N PRO B 103 14.06 -18.89 22.02
CA PRO B 103 13.07 -19.95 21.85
C PRO B 103 12.31 -20.17 23.17
N GLU B 104 10.99 -20.00 23.16
CA GLU B 104 10.20 -20.20 24.37
C GLU B 104 9.69 -21.64 24.40
N PHE B 105 9.71 -22.26 25.57
CA PHE B 105 9.18 -23.61 25.74
C PHE B 105 7.68 -23.47 25.78
N VAL B 106 6.98 -24.30 25.03
CA VAL B 106 5.52 -24.26 25.04
C VAL B 106 5.02 -25.38 25.94
N THR B 107 5.16 -26.61 25.48
CA THR B 107 4.73 -27.76 26.27
C THR B 107 5.52 -28.96 25.84
N ALA B 108 5.25 -30.07 26.50
CA ALA B 108 5.92 -31.32 26.19
C ALA B 108 4.96 -32.45 26.50
N THR B 109 4.52 -33.15 25.46
CA THR B 109 3.61 -34.28 25.64
C THR B 109 4.43 -35.42 26.20
N ASP B 110 4.04 -36.65 25.91
CA ASP B 110 4.76 -37.80 26.43
C ASP B 110 6.00 -38.10 25.58
N CYS B 111 5.91 -37.81 24.28
CA CYS B 111 7.02 -38.07 23.37
C CYS B 111 7.49 -36.88 22.54
N VAL B 112 6.83 -35.73 22.69
CA VAL B 112 7.22 -34.53 21.94
C VAL B 112 7.46 -33.30 22.80
N HIS B 113 8.52 -32.57 22.46
CA HIS B 113 8.87 -31.36 23.19
C HIS B 113 8.66 -30.20 22.23
N TYR B 114 7.67 -29.37 22.52
CA TYR B 114 7.34 -28.22 21.68
C TYR B 114 7.91 -26.87 22.13
N PHE B 115 8.35 -26.09 21.14
CA PHE B 115 8.92 -24.78 21.38
C PHE B 115 8.39 -23.78 20.34
N GLU B 116 8.50 -22.49 20.67
CA GLU B 116 8.08 -21.42 19.80
C GLU B 116 9.22 -20.40 19.80
N TRP B 117 9.62 -19.92 18.63
CA TRP B 117 10.71 -18.95 18.54
C TRP B 117 10.37 -17.78 17.60
N ARG B 118 10.09 -16.62 18.19
CA ARG B 118 9.79 -15.44 17.38
C ARG B 118 11.13 -14.79 17.10
N THR B 119 11.53 -14.76 15.85
CA THR B 119 12.84 -14.21 15.51
C THR B 119 12.96 -13.59 14.13
N THR B 120 13.85 -12.61 14.03
CA THR B 120 14.08 -11.90 12.77
C THR B 120 14.61 -12.88 11.73
N ALA B 121 15.12 -14.02 12.19
CA ALA B 121 15.68 -15.00 11.29
C ALA B 121 14.57 -15.80 10.62
N ALA B 122 13.35 -15.64 11.10
CA ALA B 122 12.23 -16.39 10.54
C ALA B 122 11.31 -15.51 9.68
N CYS B 123 11.75 -14.31 9.32
CA CYS B 123 10.93 -13.42 8.50
C CYS B 123 11.14 -13.61 6.99
N LYS B 124 10.08 -13.35 6.22
CA LYS B 124 10.12 -13.49 4.76
C LYS B 124 11.03 -12.45 4.11
N LYS B 125 11.23 -11.33 4.78
CA LYS B 125 12.09 -10.29 4.25
C LYS B 125 13.28 -10.04 5.13
N ASN B 126 14.44 -9.87 4.48
CA ASN B 126 15.70 -9.63 5.15
C ASN B 126 15.79 -8.25 5.80
N ILE B 127 14.85 -7.37 5.48
CA ILE B 127 14.85 -6.01 6.03
C ILE B 127 14.67 -5.97 7.53
N PHE B 128 14.31 -7.10 8.12
CA PHE B 128 14.12 -7.17 9.56
C PHE B 128 15.41 -7.62 10.26
N LYS B 129 16.18 -8.46 9.59
CA LYS B 129 17.44 -8.99 10.11
C LYS B 129 18.49 -7.93 10.42
N ALA B 130 19.03 -7.98 11.62
CA ALA B 130 20.08 -7.04 12.03
C ALA B 130 21.36 -7.47 11.37
N ASN B 131 22.28 -6.54 11.10
CA ASN B 131 23.54 -6.91 10.48
C ASN B 131 24.24 -7.91 11.40
N LYS B 132 24.16 -7.68 12.70
CA LYS B 132 24.78 -8.59 13.64
C LYS B 132 24.15 -8.52 15.03
N GLU B 133 23.52 -9.62 15.44
CA GLU B 133 22.86 -9.71 16.73
C GLU B 133 23.23 -11.01 17.47
N VAL B 134 23.27 -10.92 18.80
CA VAL B 134 23.62 -12.05 19.65
C VAL B 134 22.50 -12.34 20.65
N PRO B 135 22.53 -13.52 21.31
CA PRO B 135 21.50 -13.86 22.28
C PRO B 135 21.48 -12.78 23.36
N CYS B 136 20.30 -12.28 23.69
CA CYS B 136 20.16 -11.20 24.65
C CYS B 136 19.42 -11.56 25.93
N TYR B 137 19.78 -12.70 26.50
CA TYR B 137 19.12 -13.14 27.72
C TYR B 137 19.96 -14.19 28.38
N ALA B 138 19.58 -14.52 29.61
CA ALA B 138 20.29 -15.55 30.38
C ALA B 138 19.45 -16.05 31.54
N PHE B 139 19.44 -17.36 31.73
CA PHE B 139 18.71 -17.98 32.83
C PHE B 139 19.63 -17.99 34.06
N ASP B 140 19.06 -17.88 35.26
CA ASP B 140 19.85 -17.91 36.49
C ASP B 140 19.75 -19.26 37.17
N ARG B 141 20.34 -19.37 38.36
CA ARG B 141 20.34 -20.62 39.11
C ARG B 141 18.94 -21.16 39.38
N GLU B 142 17.96 -20.26 39.47
CA GLU B 142 16.58 -20.68 39.72
C GLU B 142 15.82 -20.87 38.42
N LEU B 143 16.55 -20.96 37.31
CA LEU B 143 15.92 -21.13 36.00
C LEU B 143 14.95 -19.99 35.70
N LYS B 144 15.25 -18.79 36.17
CA LYS B 144 14.41 -17.61 35.93
C LYS B 144 15.08 -16.80 34.83
N LYS B 145 14.29 -16.35 33.86
CA LYS B 145 14.87 -15.59 32.76
C LYS B 145 15.07 -14.09 32.96
N HIS B 146 16.23 -13.62 32.50
CA HIS B 146 16.58 -12.22 32.52
C HIS B 146 16.72 -11.96 31.03
N ASP B 147 15.74 -11.27 30.44
CA ASP B 147 15.71 -11.01 28.99
C ASP B 147 15.77 -9.52 28.60
N LEU B 148 16.77 -9.14 27.80
CA LEU B 148 16.87 -7.74 27.40
C LEU B 148 16.33 -7.41 26.01
N ASN B 149 15.72 -8.40 25.37
CA ASN B 149 15.16 -8.16 24.04
C ASN B 149 14.34 -6.88 23.93
N PRO B 150 13.54 -6.54 24.96
CA PRO B 150 12.73 -5.31 24.93
C PRO B 150 13.54 -4.01 24.76
N LEU B 151 14.82 -4.07 25.11
CA LEU B 151 15.65 -2.88 25.01
C LEU B 151 16.35 -2.77 23.66
N ILE B 152 16.35 -3.86 22.91
CA ILE B 152 17.02 -3.86 21.62
C ILE B 152 16.35 -2.88 20.68
N LYS B 153 17.16 -2.01 20.07
CA LYS B 153 16.64 -1.03 19.13
C LYS B 153 16.82 -1.48 17.68
N THR B 154 15.77 -1.34 16.89
CA THR B 154 15.85 -1.73 15.51
C THR B 154 16.07 -0.46 14.66
N SER B 155 15.89 0.69 15.28
CA SER B 155 16.13 1.94 14.60
C SER B 155 16.73 3.02 15.53
N GLY B 156 18.04 3.25 15.39
CA GLY B 156 18.71 4.23 16.22
C GLY B 156 19.53 3.63 17.35
N ALA B 157 19.80 4.44 18.37
CA ALA B 157 20.59 3.99 19.51
C ALA B 157 20.32 4.79 20.75
N TYR B 158 21.04 4.47 21.82
CA TYR B 158 20.90 5.17 23.09
C TYR B 158 22.08 6.11 23.34
N LEU B 159 21.78 7.28 23.90
CA LEU B 159 22.82 8.25 24.24
C LEU B 159 23.32 7.85 25.63
N VAL B 160 24.64 7.71 25.77
CA VAL B 160 25.22 7.36 27.05
C VAL B 160 25.62 8.62 27.82
N ASP B 161 25.23 8.67 29.08
CA ASP B 161 25.53 9.79 29.96
C ASP B 161 27.04 9.91 30.21
N ASP B 162 27.62 11.07 29.92
CA ASP B 162 29.05 11.30 30.14
C ASP B 162 29.34 12.70 30.68
N SER B 163 30.52 13.20 30.38
CA SER B 163 30.93 14.53 30.81
C SER B 163 31.44 15.30 29.60
N ASP B 164 32.38 14.68 28.89
CA ASP B 164 32.97 15.28 27.71
C ASP B 164 31.90 15.90 26.83
N PRO B 165 31.88 17.24 26.72
CA PRO B 165 30.90 17.94 25.89
C PRO B 165 31.27 17.86 24.42
N ASP B 166 32.41 17.23 24.13
CA ASP B 166 32.91 17.08 22.78
C ASP B 166 32.53 15.75 22.14
N THR B 167 32.29 14.73 22.98
CA THR B 167 31.93 13.41 22.46
C THR B 167 30.56 12.91 22.93
N SER B 168 29.95 12.08 22.08
CA SER B 168 28.66 11.48 22.36
C SER B 168 28.80 9.97 22.15
N LEU B 169 28.53 9.20 23.19
CA LEU B 169 28.62 7.74 23.10
C LEU B 169 27.23 7.16 22.79
N PHE B 170 27.14 6.43 21.70
CA PHE B 170 25.89 5.79 21.27
C PHE B 170 26.05 4.27 21.31
N ILE B 171 25.09 3.59 21.92
CA ILE B 171 25.14 2.14 21.98
C ILE B 171 23.76 1.57 21.69
N ASN B 172 23.74 0.32 21.23
CA ASN B 172 22.50 -0.38 20.99
C ASN B 172 22.66 -1.63 21.85
N VAL B 173 21.62 -2.45 21.94
CA VAL B 173 21.73 -3.62 22.78
C VAL B 173 21.72 -4.87 21.96
N CYS B 174 22.75 -5.69 22.16
CA CYS B 174 22.92 -6.97 21.52
C CYS B 174 23.03 -6.99 20.00
N ARG B 175 23.15 -5.82 19.39
CA ARG B 175 23.27 -5.77 17.95
C ARG B 175 23.77 -4.42 17.48
N ASP B 176 23.97 -4.30 16.17
CA ASP B 176 24.47 -3.06 15.60
C ASP B 176 23.44 -1.95 15.65
N ILE B 177 23.92 -0.71 15.53
CA ILE B 177 23.06 0.46 15.53
C ILE B 177 22.59 0.67 14.08
N GLU B 178 21.30 0.58 13.84
CA GLU B 178 20.77 0.79 12.50
C GLU B 178 20.88 2.29 12.28
N VAL B 179 21.85 2.69 11.47
CA VAL B 179 22.10 4.10 11.22
C VAL B 179 21.35 4.76 10.07
N LEU B 180 20.78 3.94 9.19
CA LEU B 180 20.06 4.47 8.03
C LEU B 180 18.86 5.34 8.36
N ARG B 181 17.88 4.79 9.06
CA ARG B 181 16.67 5.54 9.42
C ARG B 181 16.68 5.99 10.88
N ALA B 182 17.88 6.13 11.44
CA ALA B 182 18.05 6.54 12.83
C ALA B 182 17.29 7.83 13.16
N SER B 183 16.54 7.79 14.27
CA SER B 183 15.76 8.94 14.73
C SER B 183 16.63 10.16 15.02
N SER B 184 17.91 9.93 15.35
CA SER B 184 18.82 11.03 15.62
C SER B 184 19.73 11.32 14.43
N PRO B 185 20.01 12.61 14.19
CA PRO B 185 20.87 12.99 13.06
C PRO B 185 22.31 12.54 13.32
N GLN B 186 22.81 12.77 14.53
CA GLN B 186 24.17 12.36 14.88
C GLN B 186 24.38 10.87 14.67
N VAL B 187 23.44 10.06 15.17
CA VAL B 187 23.53 8.61 15.03
C VAL B 187 23.71 8.25 13.56
N ARG B 188 22.97 8.92 12.70
CA ARG B 188 23.05 8.66 11.27
C ARG B 188 24.49 8.69 10.75
N VAL B 189 25.35 9.47 11.41
CA VAL B 189 26.76 9.60 11.04
C VAL B 189 27.61 8.39 11.44
N CYS B 190 27.04 7.48 12.21
CA CYS B 190 27.74 6.29 12.67
C CYS B 190 28.06 5.27 11.60
N PRO B 191 29.20 4.59 11.74
CA PRO B 191 29.64 3.56 10.79
C PRO B 191 28.77 2.32 10.89
N THR B 192 28.04 2.01 9.82
CA THR B 192 27.19 0.83 9.84
C THR B 192 27.94 -0.37 10.41
N GLY B 193 27.22 -1.24 11.12
CA GLY B 193 27.84 -2.41 11.70
C GLY B 193 28.25 -2.21 13.15
N ALA B 194 28.49 -0.97 13.54
CA ALA B 194 28.91 -0.68 14.90
C ALA B 194 27.75 -0.80 15.90
N ALA B 195 28.07 -1.31 17.09
CA ALA B 195 27.08 -1.47 18.16
C ALA B 195 27.36 -0.39 19.22
N ALA B 196 28.52 0.24 19.07
CA ALA B 196 28.95 1.32 19.95
C ALA B 196 29.57 2.36 19.01
N CYS B 197 29.03 3.57 19.03
CA CYS B 197 29.51 4.62 18.15
C CYS B 197 29.84 5.91 18.87
N LEU B 198 31.08 6.38 18.70
CA LEU B 198 31.54 7.61 19.34
C LEU B 198 31.65 8.76 18.34
N VAL B 199 30.91 9.83 18.61
CA VAL B 199 30.88 11.01 17.75
C VAL B 199 31.58 12.21 18.37
N ARG B 200 32.56 12.77 17.65
CA ARG B 200 33.32 13.94 18.12
C ARG B 200 33.79 14.77 16.94
N GLY B 201 33.73 16.10 17.09
CA GLY B 201 34.17 16.97 16.01
C GLY B 201 33.55 16.47 14.71
N ASP B 202 32.34 15.94 14.82
CA ASP B 202 31.59 15.40 13.69
C ASP B 202 32.28 14.22 13.02
N ARG B 203 33.11 13.52 13.78
CA ARG B 203 33.80 12.33 13.28
C ARG B 203 33.30 11.16 14.11
N ALA B 204 32.51 10.29 13.48
CA ALA B 204 31.97 9.12 14.17
C ALA B 204 32.94 7.96 14.04
N PHE B 205 33.13 7.24 15.15
CA PHE B 205 34.04 6.10 15.15
C PHE B 205 33.34 4.85 15.65
N ASP B 206 33.71 3.71 15.07
CA ASP B 206 33.16 2.43 15.49
C ASP B 206 34.06 2.04 16.64
N VAL B 207 33.52 2.02 17.85
CA VAL B 207 34.31 1.68 19.02
C VAL B 207 33.93 0.34 19.66
N GLY B 208 33.15 -0.47 18.96
CA GLY B 208 32.75 -1.77 19.51
C GLY B 208 31.60 -2.45 18.78
N ARG B 209 31.85 -3.66 18.30
CA ARG B 209 30.85 -4.44 17.58
C ARG B 209 30.45 -5.67 18.39
N PRO B 210 29.26 -6.24 18.11
CA PRO B 210 28.75 -7.41 18.80
C PRO B 210 29.46 -8.72 18.47
N GLN B 211 29.86 -9.44 19.51
CA GLN B 211 30.54 -10.72 19.35
C GLN B 211 29.82 -11.87 20.05
N GLU B 212 30.04 -12.02 21.36
CA GLU B 212 29.41 -13.10 22.10
C GLU B 212 28.09 -12.65 22.72
N GLY B 213 27.29 -13.60 23.18
CA GLY B 213 26.02 -13.27 23.77
C GLY B 213 26.07 -12.66 25.17
N LEU B 214 24.90 -12.28 25.66
CA LEU B 214 24.71 -11.68 26.99
C LEU B 214 25.24 -12.62 28.08
N LYS B 215 26.00 -12.08 29.03
CA LYS B 215 26.54 -12.90 30.12
C LYS B 215 25.96 -12.57 31.50
N LEU B 216 25.71 -13.62 32.29
CA LEU B 216 25.17 -13.45 33.63
C LEU B 216 26.35 -13.59 34.59
N VAL B 217 26.81 -12.47 35.17
CA VAL B 217 27.96 -12.51 36.08
C VAL B 217 27.59 -12.47 37.57
N SER B 218 26.54 -11.74 37.89
CA SER B 218 26.09 -11.63 39.28
C SER B 218 24.59 -11.88 39.34
N ASN B 219 24.12 -12.36 40.47
CA ASN B 219 22.71 -12.63 40.65
C ASN B 219 21.93 -11.44 40.08
N ASP B 220 22.38 -10.26 40.47
CA ASP B 220 21.75 -9.01 40.06
C ASP B 220 22.38 -8.32 38.85
N ARG B 221 23.32 -8.99 38.15
CA ARG B 221 23.98 -8.35 37.02
C ARG B 221 24.23 -9.17 35.75
N LEU B 222 24.27 -8.45 34.62
CA LEU B 222 24.50 -9.01 33.30
C LEU B 222 25.54 -8.11 32.60
N VAL B 223 26.32 -8.67 31.68
CA VAL B 223 27.32 -7.90 30.96
C VAL B 223 27.35 -8.28 29.48
N LEU B 224 27.47 -7.26 28.63
CA LEU B 224 27.53 -7.46 27.19
C LEU B 224 28.83 -6.80 26.73
N SER B 225 29.66 -7.58 26.04
CA SER B 225 30.94 -7.07 25.60
C SER B 225 31.00 -6.85 24.11
N TYR B 226 31.57 -5.73 23.71
CA TYR B 226 31.73 -5.39 22.30
C TYR B 226 33.22 -5.22 22.03
N VAL B 227 33.68 -5.63 20.85
CA VAL B 227 35.09 -5.50 20.49
C VAL B 227 35.26 -4.97 19.07
N LYS B 228 36.40 -4.35 18.80
CA LYS B 228 36.68 -3.82 17.47
C LYS B 228 38.04 -4.26 16.97
N PHE B 236 42.99 8.32 18.91
CA PHE B 236 43.12 8.50 20.35
C PHE B 236 43.13 7.17 21.10
N CYS B 237 43.23 6.09 20.34
CA CYS B 237 43.26 4.76 20.89
C CYS B 237 44.68 4.38 21.23
N ASP B 238 45.63 5.09 20.62
CA ASP B 238 47.05 4.84 20.85
C ASP B 238 47.34 3.34 20.79
N GLY B 239 47.04 2.75 19.64
CA GLY B 239 47.29 1.33 19.44
C GLY B 239 46.38 0.42 20.22
N HIS B 240 45.57 0.98 21.10
CA HIS B 240 44.65 0.19 21.90
C HIS B 240 43.34 -0.07 21.15
N SER B 241 42.98 -1.34 21.02
CA SER B 241 41.76 -1.71 20.33
C SER B 241 40.55 -1.26 21.13
N PRO B 242 39.58 -0.61 20.47
CA PRO B 242 38.37 -0.15 21.16
C PRO B 242 37.56 -1.32 21.70
N ALA B 243 36.98 -1.13 22.88
CA ALA B 243 36.18 -2.17 23.51
C ALA B 243 35.12 -1.54 24.39
N VAL B 244 33.92 -2.11 24.36
CA VAL B 244 32.83 -1.62 25.18
C VAL B 244 32.29 -2.76 26.03
N THR B 245 32.20 -2.52 27.33
CA THR B 245 31.68 -3.51 28.26
C THR B 245 30.51 -2.89 29.01
N ILE B 246 29.31 -3.44 28.81
CA ILE B 246 28.13 -2.91 29.46
C ILE B 246 27.65 -3.82 30.58
N THR B 247 27.29 -3.21 31.70
CA THR B 247 26.80 -3.96 32.84
C THR B 247 25.37 -3.53 33.19
N PHE B 248 24.42 -4.43 33.01
CA PHE B 248 23.02 -4.14 33.30
C PHE B 248 22.72 -4.66 34.71
N VAL B 249 22.25 -3.80 35.60
CA VAL B 249 21.96 -4.29 36.94
C VAL B 249 20.53 -4.04 37.39
N CYS B 250 19.95 -5.09 37.97
CA CYS B 250 18.59 -5.09 38.49
C CYS B 250 18.65 -4.42 39.86
N PRO B 251 17.95 -3.29 40.03
CA PRO B 251 17.93 -2.54 41.29
C PRO B 251 17.10 -3.24 42.36
N SER B 252 17.46 -3.01 43.63
CA SER B 252 16.75 -3.61 44.76
C SER B 252 15.31 -3.13 44.85
N GLU B 253 15.09 -1.91 44.35
CA GLU B 253 13.79 -1.27 44.37
C GLU B 253 13.36 -0.71 42.99
N ARG B 254 12.06 -0.63 42.75
CA ARG B 254 11.53 -0.08 41.49
C ARG B 254 11.86 1.41 41.45
N ARG B 255 12.17 1.92 40.26
CA ARG B 255 12.48 3.35 40.10
C ARG B 255 12.29 3.79 38.65
N GLU B 256 12.20 5.10 38.46
CA GLU B 256 12.03 5.65 37.13
C GLU B 256 13.23 5.23 36.32
N GLY B 257 13.01 4.94 35.03
CA GLY B 257 14.11 4.52 34.19
C GLY B 257 15.27 5.49 34.24
N THR B 258 16.48 4.98 34.04
CA THR B 258 17.68 5.82 34.05
C THR B 258 18.52 5.49 32.84
N ILE B 259 19.05 6.53 32.22
CA ILE B 259 19.90 6.41 31.05
C ILE B 259 21.16 5.65 31.42
N PRO B 260 21.75 4.93 30.46
CA PRO B 260 22.98 4.18 30.77
C PRO B 260 24.13 5.16 31.03
N LYS B 261 24.88 4.92 32.10
CA LYS B 261 25.97 5.80 32.48
C LYS B 261 27.36 5.27 32.19
N LEU B 262 28.20 6.17 31.70
CA LEU B 262 29.59 5.84 31.38
C LEU B 262 30.37 5.92 32.69
N THR B 263 30.78 4.76 33.21
CA THR B 263 31.52 4.71 34.47
C THR B 263 33.04 4.70 34.26
N ALA B 264 33.47 4.48 33.02
CA ALA B 264 34.90 4.45 32.73
C ALA B 264 35.26 4.53 31.24
N LYS B 265 36.16 5.45 30.90
CA LYS B 265 36.62 5.63 29.53
C LYS B 265 38.15 5.70 29.59
N SER B 266 38.81 4.61 29.23
CA SER B 266 40.27 4.57 29.26
C SER B 266 40.90 4.04 27.98
N ASN B 267 41.33 4.95 27.12
CA ASN B 267 41.96 4.58 25.85
C ASN B 267 41.11 3.65 25.00
N CYS B 268 39.98 4.15 24.52
CA CYS B 268 39.09 3.37 23.68
C CYS B 268 38.62 2.08 24.33
N ARG B 269 38.56 2.09 25.67
CA ARG B 269 38.11 0.94 26.43
C ARG B 269 37.02 1.49 27.36
N PHE B 270 35.80 1.51 26.86
CA PHE B 270 34.67 2.05 27.61
C PHE B 270 33.90 1.04 28.44
N GLU B 271 33.45 1.49 29.60
CA GLU B 271 32.66 0.67 30.51
C GLU B 271 31.41 1.46 30.87
N ILE B 272 30.27 0.82 30.69
CA ILE B 272 28.97 1.44 30.94
C ILE B 272 28.11 0.63 31.89
N GLU B 273 27.50 1.33 32.84
CA GLU B 273 26.62 0.67 33.78
C GLU B 273 25.22 1.17 33.48
N TRP B 274 24.29 0.24 33.38
CA TRP B 274 22.92 0.57 33.08
C TRP B 274 21.99 -0.07 34.09
N VAL B 275 21.41 0.75 34.95
CA VAL B 275 20.46 0.26 35.95
C VAL B 275 19.12 0.16 35.20
N THR B 276 18.61 -1.06 35.04
CA THR B 276 17.35 -1.26 34.34
C THR B 276 16.61 -2.50 34.85
N GLU B 277 15.31 -2.37 35.06
CA GLU B 277 14.53 -3.50 35.55
C GLU B 277 14.38 -4.64 34.55
N TYR B 278 14.82 -4.44 33.31
CA TYR B 278 14.75 -5.53 32.34
C TYR B 278 15.82 -6.50 32.66
N ALA B 279 16.81 -6.06 33.44
CA ALA B 279 17.90 -6.95 33.86
C ALA B 279 17.43 -7.91 34.96
N CYS B 280 16.28 -7.60 35.59
CA CYS B 280 15.73 -8.46 36.64
C CYS B 280 15.13 -9.69 35.99
N HIS B 281 14.53 -10.58 36.78
CA HIS B 281 13.92 -11.75 36.17
C HIS B 281 12.57 -11.33 35.57
N ARG B 282 12.24 -11.96 34.45
CA ARG B 282 11.03 -11.65 33.68
C ARG B 282 9.67 -11.67 34.37
N ASP B 283 9.37 -12.71 35.16
CA ASP B 283 8.06 -12.77 35.80
C ASP B 283 7.83 -11.66 36.82
N TYR B 284 8.89 -10.93 37.12
CA TYR B 284 8.82 -9.81 38.04
C TYR B 284 8.30 -8.60 37.28
N LEU B 285 8.44 -8.65 35.95
CA LEU B 285 8.00 -7.55 35.09
C LEU B 285 6.69 -7.79 34.37
N GLU B 286 6.38 -9.05 34.08
CA GLU B 286 5.19 -9.36 33.28
C GLU B 286 4.09 -10.25 33.85
N SER B 287 2.96 -10.22 33.16
CA SER B 287 1.81 -11.02 33.51
C SER B 287 1.01 -11.29 32.24
N ARG B 288 0.50 -12.51 32.10
CA ARG B 288 -0.29 -12.86 30.93
C ARG B 288 -1.75 -12.47 31.16
N SER B 289 -2.00 -11.50 32.04
CA SER B 289 -3.35 -11.02 32.30
C SER B 289 -3.36 -9.53 32.60
N CYS B 290 -4.54 -8.97 32.79
CA CYS B 290 -4.65 -7.55 33.06
C CYS B 290 -4.35 -7.05 34.46
N SER B 291 -3.56 -7.80 35.21
CA SER B 291 -3.18 -7.35 36.53
C SER B 291 -1.77 -7.78 36.96
N LEU B 292 -1.15 -6.95 37.79
CA LEU B 292 0.19 -7.20 38.34
C LEU B 292 -0.02 -7.10 39.85
N SER B 293 0.71 -7.90 40.63
CA SER B 293 0.57 -7.87 42.07
C SER B 293 1.80 -7.35 42.79
N SER B 294 1.59 -6.85 44.01
CA SER B 294 2.69 -6.35 44.82
C SER B 294 3.67 -7.50 45.06
N ALA B 295 3.13 -8.67 45.41
CA ALA B 295 3.93 -9.85 45.71
C ALA B 295 4.76 -10.38 44.55
N GLN B 296 4.26 -10.26 43.33
CA GLN B 296 5.06 -10.76 42.22
C GLN B 296 5.84 -9.71 41.46
N HIS B 297 5.27 -8.52 41.35
CA HIS B 297 5.86 -7.44 40.58
C HIS B 297 6.26 -6.21 41.38
N ASP B 298 5.90 -6.17 42.66
CA ASP B 298 6.18 -5.01 43.52
C ASP B 298 5.35 -3.83 43.07
N VAL B 299 4.27 -4.14 42.39
CA VAL B 299 3.36 -3.12 41.92
C VAL B 299 2.00 -3.78 41.80
N ALA B 300 0.99 -3.14 42.40
CA ALA B 300 -0.38 -3.63 42.37
C ALA B 300 -1.09 -2.88 41.24
N VAL B 301 -1.52 -3.61 40.23
CA VAL B 301 -2.20 -3.01 39.09
C VAL B 301 -3.30 -3.94 38.60
N ASP B 302 -4.43 -3.38 38.15
CA ASP B 302 -5.55 -4.15 37.61
C ASP B 302 -6.28 -3.28 36.57
N LEU B 303 -6.11 -3.59 35.30
CA LEU B 303 -6.75 -2.83 34.24
C LEU B 303 -8.13 -3.38 33.88
N GLN B 304 -8.52 -4.48 34.51
CA GLN B 304 -9.81 -5.10 34.26
C GLN B 304 -10.97 -4.09 34.13
N PRO B 305 -11.12 -3.20 35.12
CA PRO B 305 -12.19 -2.20 35.10
C PRO B 305 -12.37 -1.40 33.80
N LEU B 306 -11.39 -1.46 32.91
CA LEU B 306 -11.49 -0.74 31.64
C LEU B 306 -12.34 -1.51 30.64
N SER B 307 -12.50 -2.80 30.87
CA SER B 307 -13.26 -3.67 29.97
C SER B 307 -14.71 -3.26 29.76
N ARG B 308 -15.25 -2.44 30.67
CA ARG B 308 -16.64 -2.00 30.55
C ARG B 308 -16.80 -0.51 30.24
N VAL B 309 -17.24 -0.21 29.02
CA VAL B 309 -17.42 1.17 28.59
C VAL B 309 -18.91 1.48 28.45
N SER B 314 -21.47 0.41 23.59
CA SER B 314 -20.14 0.35 23.00
C SER B 314 -19.13 -0.07 24.06
N LEU B 315 -19.07 -1.37 24.34
CA LEU B 315 -18.14 -1.87 25.35
C LEU B 315 -16.72 -1.82 24.80
N PHE B 316 -16.59 -1.27 23.59
CA PHE B 316 -15.29 -1.14 22.95
C PHE B 316 -14.93 0.33 22.74
N TYR B 317 -13.63 0.60 22.73
CA TYR B 317 -13.13 1.95 22.53
C TYR B 317 -12.75 2.10 21.06
N THR B 318 -12.72 3.33 20.57
CA THR B 318 -12.39 3.56 19.18
C THR B 318 -11.34 4.65 19.06
N SER B 319 -10.33 4.41 18.23
CA SER B 319 -9.28 5.39 18.00
C SER B 319 -9.11 5.70 16.51
N GLU B 320 -9.33 6.95 16.17
CA GLU B 320 -9.21 7.42 14.81
C GLU B 320 -7.77 7.57 14.33
N ALA B 321 -7.57 7.32 13.05
CA ALA B 321 -6.29 7.45 12.39
C ALA B 321 -6.64 8.08 11.05
N ASP B 322 -5.66 8.53 10.29
CA ASP B 322 -5.92 9.16 9.01
C ASP B 322 -6.60 8.21 8.04
N GLU B 323 -6.01 7.05 7.82
CA GLU B 323 -6.56 6.07 6.89
C GLU B 323 -7.30 4.91 7.53
N TYR B 324 -7.17 4.74 8.84
CA TYR B 324 -7.86 3.65 9.48
C TYR B 324 -8.53 4.05 10.78
N THR B 325 -9.27 3.11 11.34
CA THR B 325 -9.96 3.31 12.61
C THR B 325 -9.65 2.06 13.43
N TYR B 326 -9.20 2.25 14.67
CA TYR B 326 -8.89 1.10 15.52
C TYR B 326 -9.93 0.90 16.60
N TYR B 327 -10.42 -0.32 16.74
CA TYR B 327 -11.40 -0.65 17.75
C TYR B 327 -10.71 -1.51 18.79
N LEU B 328 -10.79 -1.10 20.04
CA LEU B 328 -10.13 -1.84 21.10
C LEU B 328 -11.04 -2.39 22.20
N SER B 329 -11.01 -3.70 22.39
CA SER B 329 -11.78 -4.35 23.46
C SER B 329 -10.72 -5.08 24.29
N ILE B 330 -10.36 -4.50 25.43
CA ILE B 330 -9.33 -5.09 26.26
C ILE B 330 -9.83 -5.77 27.52
N CYS B 331 -8.99 -6.67 28.03
CA CYS B 331 -9.28 -7.43 29.24
C CYS B 331 -10.70 -8.03 29.20
N GLY B 332 -10.86 -9.08 28.39
CA GLY B 332 -12.15 -9.74 28.27
C GLY B 332 -13.31 -8.87 27.85
N GLY B 333 -13.01 -7.72 27.24
CA GLY B 333 -14.06 -6.84 26.79
C GLY B 333 -14.70 -7.31 25.50
N SER B 334 -15.79 -6.66 25.09
CA SER B 334 -16.50 -7.02 23.88
C SER B 334 -15.98 -6.19 22.71
N GLN B 335 -15.89 -6.81 21.54
CA GLN B 335 -15.38 -6.14 20.35
C GLN B 335 -16.47 -5.49 19.52
N ALA B 336 -16.06 -4.54 18.67
CA ALA B 336 -16.98 -3.83 17.80
C ALA B 336 -17.64 -4.77 16.79
N PRO B 337 -18.88 -4.45 16.37
CA PRO B 337 -19.69 -5.21 15.41
C PRO B 337 -19.00 -5.49 14.07
N ILE B 338 -18.26 -4.51 13.57
CA ILE B 338 -17.57 -4.67 12.29
C ILE B 338 -16.38 -5.63 12.42
N CYS B 339 -16.15 -6.14 13.62
CA CYS B 339 -15.06 -7.08 13.87
C CYS B 339 -15.58 -8.32 14.62
N ASN B 340 -16.66 -8.91 14.09
CA ASN B 340 -17.29 -10.09 14.68
C ASN B 340 -16.87 -11.40 14.00
N LYS B 341 -16.29 -11.27 12.82
CA LYS B 341 -15.84 -12.43 12.05
C LYS B 341 -14.40 -12.81 12.44
N LYS B 342 -13.94 -12.24 13.55
CA LYS B 342 -12.59 -12.52 14.02
C LYS B 342 -12.55 -12.64 15.54
N ASP B 343 -11.34 -12.47 16.08
CA ASP B 343 -11.11 -12.51 17.51
C ASP B 343 -9.96 -11.54 17.71
N ALA B 344 -10.29 -10.25 17.72
CA ALA B 344 -9.29 -9.22 17.84
C ALA B 344 -9.44 -8.31 19.06
N ALA B 345 -8.37 -8.17 19.82
CA ALA B 345 -8.38 -7.28 20.98
C ALA B 345 -8.30 -5.90 20.37
N VAL B 346 -7.55 -5.83 19.27
CA VAL B 346 -7.38 -4.59 18.51
C VAL B 346 -7.68 -4.97 17.06
N CYS B 347 -8.56 -4.20 16.43
CA CYS B 347 -8.97 -4.48 15.05
C CYS B 347 -8.85 -3.22 14.20
N GLN B 348 -8.21 -3.35 13.05
CA GLN B 348 -8.01 -2.21 12.14
C GLN B 348 -9.00 -2.21 10.99
N VAL B 349 -9.53 -1.03 10.67
CA VAL B 349 -10.50 -0.89 9.60
C VAL B 349 -10.12 0.25 8.66
N LYS B 350 -9.97 -0.09 7.37
CA LYS B 350 -9.60 0.88 6.34
C LYS B 350 -10.78 1.81 6.12
N LYS B 351 -10.53 3.12 6.11
CA LYS B 351 -11.60 4.10 5.95
C LYS B 351 -12.24 4.13 4.56
N ALA B 352 -11.42 4.00 3.52
CA ALA B 352 -11.91 4.02 2.15
C ALA B 352 -12.38 2.65 1.70
N ASP B 353 -12.52 1.74 2.65
CA ASP B 353 -12.93 0.36 2.34
C ASP B 353 -13.37 -0.35 3.61
N SER B 354 -14.56 -0.03 4.09
CA SER B 354 -15.12 -0.61 5.30
C SER B 354 -14.97 -2.13 5.45
N THR B 355 -14.66 -2.83 4.36
CA THR B 355 -14.52 -4.27 4.44
C THR B 355 -13.09 -4.77 4.64
N GLN B 356 -12.10 -3.89 4.46
CA GLN B 356 -10.71 -4.30 4.67
C GLN B 356 -10.46 -4.27 6.17
N VAL B 357 -10.50 -5.45 6.78
CA VAL B 357 -10.31 -5.61 8.21
C VAL B 357 -9.09 -6.46 8.57
N LYS B 358 -8.25 -5.92 9.45
CA LYS B 358 -7.03 -6.61 9.88
C LYS B 358 -6.94 -6.71 11.40
N VAL B 359 -6.68 -7.91 11.89
CA VAL B 359 -6.53 -8.13 13.33
C VAL B 359 -5.15 -7.62 13.75
N ALA B 360 -5.11 -6.77 14.77
CA ALA B 360 -3.86 -6.20 15.25
C ALA B 360 -3.47 -6.67 16.64
N GLY B 361 -4.02 -7.82 17.03
CA GLY B 361 -3.74 -8.37 18.34
C GLY B 361 -4.91 -9.21 18.82
N ARG B 362 -4.64 -10.30 19.52
CA ARG B 362 -5.70 -11.16 20.02
C ARG B 362 -5.76 -11.23 21.55
N PRO B 363 -6.98 -11.29 22.12
CA PRO B 363 -7.16 -11.35 23.58
C PRO B 363 -6.40 -12.46 24.30
N GLN B 364 -6.08 -13.54 23.58
CA GLN B 364 -5.35 -14.66 24.16
C GLN B 364 -3.84 -14.44 24.18
N ASN B 365 -3.38 -13.40 23.48
CA ASN B 365 -1.95 -13.08 23.44
C ASN B 365 -1.76 -11.72 24.09
N LEU B 366 -1.89 -11.71 25.41
CA LEU B 366 -1.78 -10.50 26.21
C LEU B 366 -0.58 -10.54 27.12
N THR B 367 0.09 -9.40 27.25
CA THR B 367 1.23 -9.30 28.13
C THR B 367 1.21 -7.92 28.74
N LEU B 368 1.10 -7.89 30.07
CA LEU B 368 1.11 -6.63 30.79
C LEU B 368 2.51 -6.56 31.38
N ARG B 369 3.18 -5.45 31.13
CA ARG B 369 4.54 -5.27 31.61
C ARG B 369 4.77 -3.94 32.30
N TYR B 370 5.59 -3.96 33.36
CA TYR B 370 5.96 -2.75 34.11
C TYR B 370 7.49 -2.78 34.31
N SER B 371 8.17 -1.74 33.83
CA SER B 371 9.62 -1.68 33.94
C SER B 371 10.11 -0.26 33.79
N ASP B 372 11.07 0.13 34.61
CA ASP B 372 11.63 1.47 34.56
C ASP B 372 10.55 2.55 34.54
N GLY B 373 9.49 2.31 35.31
CA GLY B 373 8.39 3.26 35.40
C GLY B 373 7.27 3.22 34.38
N ASP B 374 7.41 2.43 33.33
CA ASP B 374 6.34 2.40 32.32
C ASP B 374 5.49 1.16 32.36
N LEU B 375 4.18 1.37 32.32
CA LEU B 375 3.28 0.24 32.29
C LEU B 375 3.00 0.05 30.80
N THR B 376 2.99 -1.20 30.35
CA THR B 376 2.72 -1.48 28.94
C THR B 376 1.80 -2.69 28.75
N LEU B 377 0.75 -2.55 27.95
CA LEU B 377 -0.13 -3.66 27.66
C LEU B 377 0.11 -4.04 26.19
N ILE B 378 0.56 -5.28 25.95
CA ILE B 378 0.84 -5.71 24.60
C ILE B 378 -0.08 -6.83 24.15
N TYR B 379 -0.69 -6.63 22.99
CA TYR B 379 -1.58 -7.63 22.40
C TYR B 379 -0.92 -8.01 21.11
N PHE B 380 -0.76 -9.31 20.92
CA PHE B 380 -0.11 -9.79 19.71
C PHE B 380 -0.85 -10.99 19.11
N GLY B 381 -0.16 -11.71 18.24
CA GLY B 381 -0.75 -12.87 17.59
C GLY B 381 -1.74 -12.45 16.54
N GLY B 382 -1.51 -11.28 15.96
CA GLY B 382 -2.41 -10.76 14.93
C GLY B 382 -2.12 -11.33 13.56
N GLU B 383 -2.87 -10.87 12.56
CA GLU B 383 -2.66 -11.34 11.19
C GLU B 383 -1.30 -10.90 10.67
N GLU B 384 -0.60 -11.83 10.04
CA GLU B 384 0.72 -11.55 9.49
C GLU B 384 0.73 -10.53 8.38
N CYS B 385 1.76 -9.70 8.38
CA CYS B 385 1.96 -8.72 7.33
C CYS B 385 2.89 -9.43 6.32
N SER B 386 3.00 -8.89 5.11
CA SER B 386 3.82 -9.51 4.07
C SER B 386 5.25 -9.83 4.50
N SER B 387 5.71 -9.16 5.56
CA SER B 387 7.07 -9.36 6.07
C SER B 387 7.16 -10.68 6.82
N GLY B 388 6.01 -11.14 7.28
CA GLY B 388 5.92 -12.38 8.04
C GLY B 388 5.58 -12.05 9.49
N PHE B 389 5.66 -10.76 9.83
CA PHE B 389 5.39 -10.29 11.19
C PHE B 389 3.91 -10.19 11.54
N GLN B 390 3.49 -10.98 12.53
CA GLN B 390 2.11 -10.99 13.00
C GLN B 390 1.87 -9.62 13.61
N ARG B 391 0.80 -8.96 13.20
CA ARG B 391 0.49 -7.64 13.73
C ARG B 391 0.32 -7.71 15.26
N MET B 392 0.83 -6.69 15.95
CA MET B 392 0.69 -6.61 17.40
C MET B 392 0.48 -5.15 17.78
N SER B 393 -0.13 -4.94 18.95
CA SER B 393 -0.38 -3.59 19.41
C SER B 393 0.27 -3.39 20.79
N VAL B 394 0.72 -2.18 21.06
CA VAL B 394 1.30 -1.94 22.37
C VAL B 394 0.71 -0.63 22.86
N ILE B 395 0.10 -0.70 24.03
CA ILE B 395 -0.51 0.46 24.64
C ILE B 395 0.43 0.96 25.76
N ASN B 396 0.85 2.21 25.62
CA ASN B 396 1.70 2.80 26.63
C ASN B 396 0.76 3.53 27.61
N PHE B 397 0.46 2.87 28.73
CA PHE B 397 -0.40 3.45 29.73
C PHE B 397 0.30 4.54 30.52
N GLU B 398 -0.44 5.61 30.81
CA GLU B 398 0.10 6.74 31.55
C GLU B 398 -0.80 7.04 32.73
N CYS B 399 -0.21 7.32 33.89
CA CYS B 399 -0.99 7.64 35.08
C CYS B 399 -1.63 9.01 35.00
N ASN B 400 -2.92 9.07 35.31
CA ASN B 400 -3.67 10.32 35.33
C ASN B 400 -4.94 10.14 36.12
N GLN B 401 -4.92 10.61 37.36
CA GLN B 401 -6.05 10.49 38.28
C GLN B 401 -7.34 11.15 37.77
N THR B 402 -7.20 12.33 37.18
CA THR B 402 -8.34 13.08 36.69
C THR B 402 -8.89 12.66 35.32
N ALA B 403 -8.21 11.71 34.68
CA ALA B 403 -8.60 11.23 33.35
C ALA B 403 -10.11 11.13 33.11
N GLY B 404 -10.51 11.41 31.87
CA GLY B 404 -11.91 11.37 31.49
C GLY B 404 -12.62 10.06 31.80
N ASN B 405 -13.94 10.08 31.74
CA ASN B 405 -14.74 8.90 32.03
C ASN B 405 -14.40 8.38 33.41
N ASN B 406 -14.66 9.17 34.43
CA ASN B 406 -14.36 8.78 35.79
C ASN B 406 -12.96 8.17 35.88
N GLY B 407 -12.02 8.72 35.12
CA GLY B 407 -10.67 8.21 35.14
C GLY B 407 -10.34 7.05 34.23
N ARG B 408 -11.34 6.48 33.55
CA ARG B 408 -11.12 5.34 32.66
C ARG B 408 -10.34 5.76 31.42
N GLY B 409 -10.42 7.05 31.10
CA GLY B 409 -9.72 7.58 29.95
C GLY B 409 -10.17 6.93 28.64
N ALA B 410 -9.31 7.03 27.62
CA ALA B 410 -9.59 6.45 26.30
C ALA B 410 -8.30 6.38 25.50
N PRO B 411 -8.08 5.26 24.78
CA PRO B 411 -6.85 5.16 24.00
C PRO B 411 -6.76 6.17 22.87
N VAL B 412 -5.53 6.43 22.45
CA VAL B 412 -5.25 7.39 21.39
C VAL B 412 -4.20 6.73 20.52
N PHE B 413 -4.55 6.46 19.27
CA PHE B 413 -3.59 5.86 18.36
C PHE B 413 -2.48 6.88 18.19
N THR B 414 -1.24 6.43 18.16
CA THR B 414 -0.15 7.37 17.98
C THR B 414 0.61 7.08 16.70
N GLY B 415 0.88 5.81 16.41
CA GLY B 415 1.59 5.51 15.19
C GLY B 415 1.90 4.04 14.94
N GLU B 416 2.24 3.74 13.69
CA GLU B 416 2.58 2.40 13.28
C GLU B 416 4.04 2.35 12.84
N VAL B 417 4.65 1.20 13.05
CA VAL B 417 6.01 0.96 12.59
C VAL B 417 6.05 -0.50 12.16
N ASP B 418 6.05 -0.72 10.84
CA ASP B 418 6.09 -2.05 10.27
C ASP B 418 5.14 -3.04 10.93
N CYS B 419 3.88 -2.67 11.05
CA CYS B 419 2.84 -3.52 11.62
C CYS B 419 2.75 -3.69 13.14
N THR B 420 3.40 -2.79 13.86
CA THR B 420 3.28 -2.77 15.31
C THR B 420 2.53 -1.45 15.46
N TYR B 421 1.38 -1.50 16.12
CA TYR B 421 0.55 -0.32 16.34
C TYR B 421 0.71 0.22 17.77
N PHE B 422 0.94 1.52 17.87
CA PHE B 422 1.16 2.16 19.16
C PHE B 422 0.07 3.08 19.62
N PHE B 423 -0.35 2.90 20.87
CA PHE B 423 -1.38 3.72 21.45
C PHE B 423 -0.95 4.29 22.79
N THR B 424 -1.54 5.42 23.13
CA THR B 424 -1.29 6.05 24.41
C THR B 424 -2.62 5.99 25.13
N TRP B 425 -2.57 5.81 26.45
CA TRP B 425 -3.81 5.74 27.20
C TRP B 425 -3.63 6.28 28.60
N ASP B 426 -4.08 7.51 28.82
CA ASP B 426 -4.01 8.15 30.13
C ASP B 426 -5.21 7.69 30.95
N THR B 427 -4.92 7.10 32.10
CA THR B 427 -5.97 6.61 32.97
C THR B 427 -5.49 6.56 34.41
N LYS B 428 -6.42 6.57 35.34
CA LYS B 428 -6.05 6.51 36.75
C LYS B 428 -5.59 5.09 37.06
N TYR B 429 -6.24 4.11 36.45
CA TYR B 429 -5.90 2.71 36.67
C TYR B 429 -4.45 2.41 36.30
N ALA B 430 -3.70 3.44 35.89
CA ALA B 430 -2.31 3.25 35.52
C ALA B 430 -1.37 3.92 36.51
N CYS B 431 -1.91 4.40 37.63
CA CYS B 431 -1.07 5.02 38.64
C CYS B 431 -0.69 3.90 39.60
N VAL B 432 0.59 3.80 39.92
CA VAL B 432 1.06 2.74 40.82
C VAL B 432 0.58 2.96 42.25
#